data_4B80
#
_entry.id   4B80
#
_cell.length_a   78.867
_cell.length_b   111.543
_cell.length_c   227.589
_cell.angle_alpha   90.00
_cell.angle_beta   90.00
_cell.angle_gamma   90.00
#
_symmetry.space_group_name_H-M   'P 21 21 21'
#
loop_
_entity.id
_entity.type
_entity.pdbx_description
1 polymer ACETYLCHOLINESTERASE
2 non-polymer N-[2-(diethylamino)ethyl]-1-(4-fluorophenyl)methanesulfonamide
3 non-polymer 1,2-ETHANEDIOL
4 non-polymer 'SULFATE ION'
5 non-polymer 2-acetamido-2-deoxy-beta-D-glucopyranose
6 non-polymer DI(HYDROXYETHYL)ETHER
7 non-polymer 'TRIETHYLENE GLYCOL'
8 non-polymer 'O-ACETALDEHYDYL-HEXAETHYLENE GLYCOL'
9 water water
#
_entity_poly.entity_id   1
_entity_poly.type   'polypeptide(L)'
_entity_poly.pdbx_seq_one_letter_code
;EGREDPQLLVRVRGGQLRGIRLKAPGGPVSAFLGIPFAEPPVGSRRFMPPEPKRPWSGVLDATTFQNVCYQYVDTLYPGF
EGTEMWNPNRELSEDCLYLNVWTPYPRPASPTPVLIWIYGGGFYSGAASLDVYDGRFLAQVEGAVLVSMNYRVGTFGFLA
LPGSREAPGNVGLLDQRLALQWVQENIAAFGGDPMSVTLFGESAGAASVGMHILSLPSRSLFHRAVLQSGTPNGPWATVS
AGEARRRATLLARLVGCPPGGAGGNDTELIACLRTRPAQDLVDHEWHVLPQESIFRFSFVPVVDGDFLSDTPEALINTGD
FQDLQVLVGVVKDEGSYFLVYGVPGFSKDNESLISRAQFLAGVRIGVPQASDLAAEAVVLHYTDWLHPEDPTHLRDAMSA
VVGDHNVVCPVAQLAGRLAAQGARVYAYIFEHRASTLTWPLWMGVPHGYEIEFIFGLPLDPSLNYTTEERIFAQRLMKYW
TNFARTGDPNDPRDSKSPQWPPYTTAAQQYVSLNLKPLEVRRGLRAQTCAFWNRFLPKLLSATATEAP
;
_entity_poly.pdbx_strand_id   A,B
#
loop_
_chem_comp.id
_chem_comp.type
_chem_comp.name
_chem_comp.formula
A36 non-polymer N-[2-(diethylamino)ethyl]-1-(4-fluorophenyl)methanesulfonamide 'C13 H21 F N2 O2 S'
EDO non-polymer 1,2-ETHANEDIOL 'C2 H6 O2'
NAG D-saccharide, beta linking 2-acetamido-2-deoxy-beta-D-glucopyranose 'C8 H15 N O6'
P4C non-polymer 'O-ACETALDEHYDYL-HEXAETHYLENE GLYCOL' 'C14 H28 O8'
PEG non-polymer DI(HYDROXYETHYL)ETHER 'C4 H10 O3'
PGE non-polymer 'TRIETHYLENE GLYCOL' 'C6 H14 O4'
SO4 non-polymer 'SULFATE ION' 'O4 S -2'
#
# COMPACT_ATOMS: atom_id res chain seq x y z
N GLU A 1 -42.22 52.88 -17.96
CA GLU A 1 -42.61 51.47 -18.10
C GLU A 1 -43.90 51.40 -18.93
N GLY A 2 -44.90 50.71 -18.38
CA GLY A 2 -46.24 50.73 -18.94
C GLY A 2 -46.69 49.50 -19.68
N ARG A 3 -45.94 49.11 -20.70
CA ARG A 3 -46.38 48.06 -21.61
C ARG A 3 -45.42 46.87 -21.64
N GLU A 4 -44.73 46.64 -20.53
CA GLU A 4 -43.83 45.49 -20.43
C GLU A 4 -44.26 44.62 -19.25
N ASP A 5 -43.66 43.44 -19.11
CA ASP A 5 -44.08 42.48 -18.09
C ASP A 5 -43.75 43.01 -16.70
N PRO A 6 -44.79 43.26 -15.90
CA PRO A 6 -44.63 43.79 -14.54
C PRO A 6 -43.93 42.82 -13.59
N GLN A 7 -43.76 41.57 -14.02
CA GLN A 7 -43.08 40.61 -13.18
C GLN A 7 -41.54 40.66 -13.37
N LEU A 8 -41.08 41.30 -14.45
CA LEU A 8 -39.64 41.35 -14.75
C LEU A 8 -38.96 42.64 -14.27
N LEU A 9 -39.68 43.49 -13.54
CA LEU A 9 -39.10 44.75 -13.06
C LEU A 9 -38.79 44.72 -11.56
N VAL A 10 -37.52 44.93 -11.22
CA VAL A 10 -37.03 44.79 -9.85
C VAL A 10 -36.03 45.92 -9.55
N ARG A 11 -36.06 46.45 -8.32
CA ARG A 11 -35.02 47.39 -7.89
C ARG A 11 -34.00 46.72 -6.93
N VAL A 12 -32.70 46.97 -7.18
CA VAL A 12 -31.65 46.59 -6.25
C VAL A 12 -30.89 47.84 -5.82
N ARG A 13 -30.02 47.71 -4.82
CA ARG A 13 -29.23 48.84 -4.29
C ARG A 13 -28.66 49.80 -5.34
N GLY A 14 -28.25 49.28 -6.48
CA GLY A 14 -27.60 50.09 -7.49
C GLY A 14 -28.54 50.69 -8.51
N GLY A 15 -29.79 50.21 -8.54
CA GLY A 15 -30.78 50.75 -9.44
C GLY A 15 -31.85 49.77 -9.91
N GLN A 16 -32.51 50.09 -11.01
CA GLN A 16 -33.61 49.28 -11.53
C GLN A 16 -33.16 48.27 -12.59
N LEU A 17 -33.77 47.09 -12.56
CA LEU A 17 -33.42 46.04 -13.52
C LEU A 17 -34.62 45.56 -14.29
N ARG A 18 -34.42 45.27 -15.58
CA ARG A 18 -35.41 44.56 -16.37
C ARG A 18 -34.87 43.17 -16.71
N GLY A 19 -35.50 42.13 -16.16
CA GLY A 19 -35.10 40.77 -16.45
C GLY A 19 -35.88 40.18 -17.62
N ILE A 20 -35.82 38.86 -17.75
CA ILE A 20 -36.38 38.18 -18.90
C ILE A 20 -37.15 36.92 -18.49
N ARG A 21 -38.22 36.63 -19.22
CA ARG A 21 -39.04 35.46 -18.96
C ARG A 21 -38.50 34.30 -19.80
N LEU A 22 -37.84 33.34 -19.16
CA LEU A 22 -37.28 32.21 -19.89
C LEU A 22 -38.22 31.02 -19.88
N LYS A 23 -38.14 30.19 -20.90
CA LYS A 23 -38.88 28.93 -20.91
C LYS A 23 -38.00 27.79 -20.41
N ALA A 24 -38.45 27.11 -19.35
CA ALA A 24 -37.91 25.81 -18.96
C ALA A 24 -38.96 24.80 -19.39
N PRO A 25 -38.60 23.50 -19.47
CA PRO A 25 -39.55 22.53 -20.02
C PRO A 25 -40.89 22.47 -19.28
N GLY A 26 -40.90 22.76 -17.99
CA GLY A 26 -42.11 22.64 -17.20
C GLY A 26 -42.80 23.96 -16.92
N GLY A 27 -42.23 25.05 -17.44
CA GLY A 27 -42.83 26.37 -17.28
C GLY A 27 -41.82 27.50 -17.37
N PRO A 28 -42.28 28.74 -17.19
CA PRO A 28 -41.39 29.92 -17.27
C PRO A 28 -40.62 30.21 -15.98
N VAL A 29 -39.44 30.79 -16.12
CA VAL A 29 -38.66 31.26 -14.97
C VAL A 29 -38.21 32.69 -15.23
N SER A 30 -37.93 33.42 -14.15
CA SER A 30 -37.37 34.77 -14.27
C SER A 30 -35.83 34.73 -14.23
N ALA A 31 -35.20 35.32 -15.24
CA ALA A 31 -33.75 35.49 -15.23
C ALA A 31 -33.34 36.96 -15.20
N PHE A 32 -32.38 37.27 -14.33
CA PHE A 32 -31.74 38.59 -14.35
C PHE A 32 -30.25 38.40 -14.61
N LEU A 33 -29.83 38.71 -15.83
CA LEU A 33 -28.50 38.37 -16.29
C LEU A 33 -27.64 39.62 -16.48
N GLY A 34 -26.36 39.51 -16.12
CA GLY A 34 -25.44 40.61 -16.31
C GLY A 34 -25.63 41.79 -15.37
N ILE A 35 -26.02 41.50 -14.13
CA ILE A 35 -26.12 42.54 -13.12
C ILE A 35 -24.71 42.87 -12.62
N PRO A 36 -24.29 44.13 -12.79
CA PRO A 36 -22.96 44.54 -12.29
C PRO A 36 -22.92 44.60 -10.77
N PHE A 37 -21.88 44.05 -10.14
CA PHE A 37 -21.78 44.08 -8.68
C PHE A 37 -20.51 44.80 -8.17
N ALA A 38 -19.62 45.13 -9.11
CA ALA A 38 -18.39 45.87 -8.81
C ALA A 38 -18.12 46.87 -9.92
N GLU A 39 -17.33 47.90 -9.62
CA GLU A 39 -16.79 48.75 -10.66
C GLU A 39 -15.85 47.90 -11.52
N PRO A 40 -15.86 48.15 -12.84
CA PRO A 40 -14.96 47.44 -13.76
C PRO A 40 -13.51 47.51 -13.28
N PRO A 41 -12.87 46.36 -13.10
CA PRO A 41 -11.51 46.33 -12.59
C PRO A 41 -10.51 46.51 -13.74
N VAL A 42 -10.60 47.68 -14.40
CA VAL A 42 -9.79 47.96 -15.58
C VAL A 42 -8.84 49.12 -15.33
N GLY A 43 -7.85 49.29 -16.21
CA GLY A 43 -6.88 50.35 -16.06
C GLY A 43 -6.07 50.24 -14.79
N SER A 44 -6.07 51.31 -13.99
CA SER A 44 -5.33 51.37 -12.74
C SER A 44 -5.95 50.50 -11.66
N ARG A 45 -7.07 49.84 -11.99
CA ARG A 45 -7.74 48.94 -11.06
C ARG A 45 -7.38 47.46 -11.28
N ARG A 46 -6.66 47.17 -12.36
CA ARG A 46 -6.18 45.79 -12.61
C ARG A 46 -5.33 45.34 -11.44
N PHE A 47 -5.52 44.10 -11.00
CA PHE A 47 -4.84 43.51 -9.83
C PHE A 47 -5.36 43.98 -8.48
N MET A 48 -6.23 45.00 -8.47
CA MET A 48 -6.77 45.57 -7.23
C MET A 48 -8.02 44.83 -6.75
N PRO A 49 -8.27 44.89 -5.42
CA PRO A 49 -9.54 44.42 -4.85
C PRO A 49 -10.70 45.17 -5.49
N PRO A 50 -11.85 44.52 -5.65
CA PRO A 50 -12.96 45.17 -6.34
C PRO A 50 -13.61 46.28 -5.50
N GLU A 51 -13.93 47.40 -6.14
CA GLU A 51 -14.79 48.43 -5.55
C GLU A 51 -16.25 48.08 -5.90
N PRO A 52 -17.15 48.17 -4.92
CA PRO A 52 -18.60 47.98 -5.15
C PRO A 52 -19.16 48.89 -6.28
N LYS A 53 -20.01 48.32 -7.14
CA LYS A 53 -20.62 49.03 -8.26
C LYS A 53 -21.35 50.33 -7.85
N ARG A 54 -21.03 51.43 -8.52
CA ARG A 54 -21.72 52.71 -8.27
C ARG A 54 -23.10 52.69 -8.93
N PRO A 55 -24.14 53.17 -8.21
CA PRO A 55 -25.54 53.19 -8.68
C PRO A 55 -25.67 53.74 -10.11
N TRP A 56 -26.51 53.10 -10.93
CA TRP A 56 -26.78 53.59 -12.29
C TRP A 56 -28.10 54.35 -12.39
N SER A 57 -28.29 55.12 -13.45
CA SER A 57 -29.60 55.74 -13.68
C SER A 57 -30.43 54.90 -14.65
N GLY A 58 -31.75 55.03 -14.57
CA GLY A 58 -32.64 54.31 -15.47
C GLY A 58 -32.71 52.81 -15.22
N VAL A 59 -33.41 52.12 -16.12
CA VAL A 59 -33.58 50.68 -16.02
C VAL A 59 -32.48 49.98 -16.81
N LEU A 60 -31.58 49.31 -16.09
CA LEU A 60 -30.55 48.47 -16.68
C LEU A 60 -31.18 47.24 -17.32
N ASP A 61 -30.91 47.03 -18.61
CA ASP A 61 -31.33 45.79 -19.25
C ASP A 61 -30.49 44.61 -18.73
N ALA A 62 -31.17 43.66 -18.10
CA ALA A 62 -30.54 42.46 -17.58
C ALA A 62 -31.09 41.20 -18.25
N THR A 63 -31.12 41.21 -19.59
CA THR A 63 -31.68 40.10 -20.36
C THR A 63 -30.62 39.24 -21.07
N THR A 64 -29.35 39.65 -21.00
CA THR A 64 -28.28 38.90 -21.65
C THR A 64 -27.12 38.68 -20.70
N PHE A 65 -26.39 37.59 -20.89
CA PHE A 65 -25.17 37.38 -20.12
C PHE A 65 -24.16 38.44 -20.50
N GLN A 66 -23.34 38.85 -19.53
CA GLN A 66 -22.30 39.85 -19.78
C GLN A 66 -20.95 39.20 -20.15
N ASN A 67 -19.95 40.05 -20.40
CA ASN A 67 -18.61 39.58 -20.76
C ASN A 67 -18.04 38.53 -19.83
N VAL A 68 -17.25 37.63 -20.42
CA VAL A 68 -16.49 36.64 -19.70
C VAL A 68 -15.14 37.25 -19.29
N CYS A 69 -14.71 36.98 -18.05
CA CYS A 69 -13.42 37.50 -17.57
C CYS A 69 -12.26 37.04 -18.45
N TYR A 70 -11.30 37.94 -18.69
CA TYR A 70 -10.23 37.65 -19.64
C TYR A 70 -9.46 36.38 -19.24
N GLN A 71 -9.30 35.46 -20.18
CA GLN A 71 -8.76 34.13 -19.85
C GLN A 71 -8.15 33.37 -21.03
N TYR A 72 -7.30 32.40 -20.69
CA TYR A 72 -6.74 31.47 -21.66
C TYR A 72 -7.87 30.67 -22.31
N VAL A 73 -7.83 30.53 -23.63
CA VAL A 73 -8.83 29.70 -24.31
C VAL A 73 -8.22 28.39 -24.85
N ASP A 74 -8.85 27.26 -24.51
CA ASP A 74 -8.33 25.93 -24.84
C ASP A 74 -8.29 25.66 -26.34
N THR A 75 -7.14 25.15 -26.79
CA THR A 75 -6.90 24.90 -28.21
C THR A 75 -6.54 23.43 -28.51
N LEU A 76 -6.61 22.55 -27.52
CA LEU A 76 -6.18 21.16 -27.69
C LEU A 76 -7.00 20.44 -28.74
N TYR A 77 -8.32 20.48 -28.61
CA TYR A 77 -9.20 19.87 -29.60
C TYR A 77 -10.23 20.87 -30.13
N PRO A 78 -9.87 21.59 -31.20
CA PRO A 78 -10.69 22.64 -31.82
C PRO A 78 -12.00 22.12 -32.42
N GLY A 79 -13.13 22.73 -32.03
CA GLY A 79 -14.43 22.33 -32.53
C GLY A 79 -15.05 21.12 -31.85
N PHE A 80 -14.34 20.53 -30.90
CA PHE A 80 -14.77 19.33 -30.21
C PHE A 80 -15.59 19.72 -28.98
N GLU A 81 -16.84 19.25 -28.94
CA GLU A 81 -17.78 19.61 -27.86
C GLU A 81 -17.20 19.42 -26.45
N GLY A 82 -16.51 18.30 -26.23
CA GLY A 82 -16.05 17.97 -24.89
C GLY A 82 -15.12 19.03 -24.31
N THR A 83 -14.48 19.74 -25.22
CA THR A 83 -13.60 20.85 -24.91
C THR A 83 -14.33 22.23 -24.99
N GLU A 84 -15.12 22.44 -26.05
CA GLU A 84 -15.72 23.75 -26.29
C GLU A 84 -16.80 24.15 -25.27
N MET A 85 -17.45 23.16 -24.68
CA MET A 85 -18.49 23.42 -23.67
C MET A 85 -17.95 24.15 -22.44
N TRP A 86 -16.63 24.11 -22.25
CA TRP A 86 -16.02 24.81 -21.13
C TRP A 86 -15.43 26.17 -21.52
N ASN A 87 -15.27 26.41 -22.83
CA ASN A 87 -14.68 27.64 -23.34
C ASN A 87 -15.63 28.85 -23.19
N PRO A 88 -15.09 30.08 -23.23
CA PRO A 88 -15.93 31.30 -23.11
C PRO A 88 -17.02 31.43 -24.19
N ASN A 89 -18.26 31.66 -23.76
CA ASN A 89 -19.37 31.85 -24.72
C ASN A 89 -19.84 33.31 -24.85
N ARG A 90 -19.08 34.23 -24.28
CA ARG A 90 -19.28 35.67 -24.49
C ARG A 90 -17.92 36.31 -24.73
N GLU A 91 -17.95 37.57 -25.15
CA GLU A 91 -16.74 38.34 -25.36
C GLU A 91 -15.84 38.39 -24.11
N LEU A 92 -14.53 38.29 -24.32
CA LEU A 92 -13.58 38.38 -23.23
C LEU A 92 -13.28 39.84 -22.92
N SER A 93 -13.29 40.18 -21.63
CA SER A 93 -13.05 41.55 -21.20
C SER A 93 -12.57 41.57 -19.76
N GLU A 94 -11.79 42.57 -19.38
CA GLU A 94 -11.44 42.76 -17.98
C GLU A 94 -12.65 43.33 -17.22
N ASP A 95 -13.56 43.93 -17.99
CA ASP A 95 -14.85 44.38 -17.50
C ASP A 95 -15.82 43.21 -17.54
N CYS A 96 -15.95 42.51 -16.42
CA CYS A 96 -16.61 41.20 -16.40
C CYS A 96 -17.22 40.86 -15.05
N LEU A 97 -17.08 41.77 -14.10
CA LEU A 97 -17.64 41.54 -12.77
C LEU A 97 -19.19 41.72 -12.75
N TYR A 98 -19.91 40.72 -13.28
CA TYR A 98 -21.37 40.71 -13.30
C TYR A 98 -21.88 39.41 -12.70
N LEU A 99 -23.13 39.40 -12.23
CA LEU A 99 -23.74 38.18 -11.69
C LEU A 99 -25.12 37.96 -12.31
N ASN A 100 -25.57 36.71 -12.22
CA ASN A 100 -26.86 36.31 -12.78
C ASN A 100 -27.76 35.74 -11.70
N VAL A 101 -29.07 35.91 -11.89
CA VAL A 101 -30.06 35.48 -10.91
C VAL A 101 -31.23 34.81 -11.64
N TRP A 102 -31.55 33.56 -11.27
CA TRP A 102 -32.76 32.89 -11.76
C TRP A 102 -33.69 32.67 -10.58
N THR A 103 -34.98 32.94 -10.78
CA THR A 103 -36.01 32.74 -9.77
C THR A 103 -37.25 32.21 -10.47
N PRO A 104 -38.12 31.50 -9.73
CA PRO A 104 -39.44 31.11 -10.24
C PRO A 104 -40.20 32.27 -10.90
N TYR A 105 -41.14 31.94 -11.78
CA TYR A 105 -42.00 32.94 -12.40
C TYR A 105 -43.43 32.51 -12.21
N PRO A 106 -44.24 33.34 -11.51
CA PRO A 106 -43.82 34.60 -10.88
C PRO A 106 -42.88 34.37 -9.70
N ARG A 107 -42.27 35.43 -9.18
CA ARG A 107 -41.33 35.33 -8.05
C ARG A 107 -42.04 34.84 -6.78
N PRO A 108 -41.33 34.05 -5.96
CA PRO A 108 -41.94 33.36 -4.80
C PRO A 108 -42.62 34.25 -3.75
N ALA A 109 -43.65 33.71 -3.11
CA ALA A 109 -44.40 34.41 -2.06
C ALA A 109 -43.57 34.58 -0.79
N SER A 110 -43.14 33.45 -0.23
CA SER A 110 -42.31 33.43 0.97
C SER A 110 -40.83 33.45 0.57
N PRO A 111 -39.95 33.87 1.51
CA PRO A 111 -38.50 33.87 1.27
C PRO A 111 -37.92 32.48 0.95
N THR A 112 -37.14 32.39 -0.12
CA THR A 112 -36.72 31.10 -0.66
C THR A 112 -35.23 30.89 -0.50
N PRO A 113 -34.82 29.70 -0.02
CA PRO A 113 -33.38 29.43 0.13
C PRO A 113 -32.63 29.67 -1.18
N VAL A 114 -31.44 30.25 -1.05
CA VAL A 114 -30.64 30.67 -2.18
C VAL A 114 -29.44 29.73 -2.41
N LEU A 115 -29.19 29.40 -3.67
CA LEU A 115 -28.01 28.66 -4.07
C LEU A 115 -27.10 29.59 -4.84
N ILE A 116 -25.85 29.67 -4.44
CA ILE A 116 -24.85 30.47 -5.15
C ILE A 116 -23.77 29.57 -5.77
N TRP A 117 -23.67 29.62 -7.10
CA TRP A 117 -22.73 28.79 -7.82
C TRP A 117 -21.40 29.49 -8.09
N ILE A 118 -20.31 28.83 -7.73
CA ILE A 118 -18.98 29.32 -8.07
C ILE A 118 -18.29 28.36 -9.04
N TYR A 119 -18.20 28.76 -10.31
CA TYR A 119 -17.61 27.91 -11.35
C TYR A 119 -16.13 27.56 -11.07
N GLY A 120 -15.69 26.43 -11.61
CA GLY A 120 -14.29 26.05 -11.55
C GLY A 120 -13.56 26.32 -12.86
N GLY A 121 -12.42 25.65 -13.05
CA GLY A 121 -11.55 25.95 -14.17
C GLY A 121 -10.18 26.42 -13.70
N GLY A 122 -9.64 25.73 -12.70
CA GLY A 122 -8.26 25.93 -12.28
C GLY A 122 -7.81 27.34 -11.88
N PHE A 123 -8.78 28.20 -11.58
CA PHE A 123 -8.54 29.65 -11.34
C PHE A 123 -7.93 30.40 -12.54
N TYR A 124 -7.92 29.79 -13.72
CA TYR A 124 -7.36 30.43 -14.92
C TYR A 124 -8.44 30.60 -15.98
N SER A 125 -9.63 30.10 -15.68
CA SER A 125 -10.68 30.05 -16.68
C SER A 125 -12.05 29.85 -16.02
N GLY A 126 -13.10 29.90 -16.85
CA GLY A 126 -14.47 29.73 -16.38
C GLY A 126 -15.37 30.93 -16.64
N ALA A 127 -16.67 30.71 -16.55
CA ALA A 127 -17.67 31.75 -16.75
C ALA A 127 -19.02 31.28 -16.21
N ALA A 128 -19.79 32.18 -15.62
CA ALA A 128 -21.08 31.80 -15.07
C ALA A 128 -22.14 31.60 -16.15
N SER A 129 -21.79 31.93 -17.40
CA SER A 129 -22.75 31.99 -18.50
C SER A 129 -22.81 30.71 -19.32
N LEU A 130 -21.93 29.76 -19.01
CA LEU A 130 -21.87 28.47 -19.71
C LEU A 130 -23.18 27.69 -19.63
N ASP A 131 -23.45 26.88 -20.65
CA ASP A 131 -24.70 26.14 -20.70
C ASP A 131 -24.93 25.22 -19.50
N VAL A 132 -23.89 24.50 -19.07
CA VAL A 132 -23.99 23.56 -17.94
C VAL A 132 -24.20 24.21 -16.58
N TYR A 133 -24.22 25.54 -16.55
CA TYR A 133 -24.47 26.28 -15.30
C TYR A 133 -25.82 26.99 -15.34
N ASP A 134 -26.67 26.59 -16.28
CA ASP A 134 -27.99 27.17 -16.48
C ASP A 134 -28.91 26.95 -15.27
N GLY A 135 -29.24 28.02 -14.57
CA GLY A 135 -30.06 27.91 -13.37
C GLY A 135 -31.56 27.71 -13.57
N ARG A 136 -32.02 27.63 -14.82
CA ARG A 136 -33.47 27.67 -15.06
C ARG A 136 -34.20 26.43 -14.56
N PHE A 137 -33.50 25.29 -14.53
CA PHE A 137 -34.12 24.01 -14.16
C PHE A 137 -34.33 23.93 -12.66
N LEU A 138 -33.25 24.20 -11.91
CA LEU A 138 -33.34 24.28 -10.46
C LEU A 138 -34.41 25.30 -10.02
N ALA A 139 -34.44 26.47 -10.66
CA ALA A 139 -35.46 27.48 -10.35
C ALA A 139 -36.89 26.98 -10.64
N GLN A 140 -37.14 26.50 -11.86
CA GLN A 140 -38.48 26.03 -12.24
C GLN A 140 -38.93 24.81 -11.45
N VAL A 141 -38.05 23.82 -11.34
CA VAL A 141 -38.43 22.53 -10.79
C VAL A 141 -38.41 22.51 -9.26
N GLU A 142 -37.34 23.04 -8.67
CA GLU A 142 -37.20 23.05 -7.22
C GLU A 142 -37.65 24.36 -6.55
N GLY A 143 -37.97 25.37 -7.35
CA GLY A 143 -38.40 26.65 -6.81
C GLY A 143 -37.27 27.46 -6.19
N ALA A 144 -36.04 27.19 -6.63
CA ALA A 144 -34.86 27.77 -5.99
C ALA A 144 -34.51 29.15 -6.54
N VAL A 145 -33.91 30.01 -5.71
CA VAL A 145 -33.26 31.20 -6.24
C VAL A 145 -31.78 30.87 -6.45
N LEU A 146 -31.32 30.98 -7.69
CA LEU A 146 -29.93 30.63 -8.00
C LEU A 146 -29.14 31.84 -8.48
N VAL A 147 -27.97 32.03 -7.86
CA VAL A 147 -27.09 33.13 -8.21
C VAL A 147 -25.73 32.59 -8.64
N SER A 148 -25.26 33.00 -9.81
CA SER A 148 -23.89 32.73 -10.22
C SER A 148 -23.21 34.04 -10.57
N MET A 149 -21.96 34.20 -10.12
CA MET A 149 -21.19 35.41 -10.39
C MET A 149 -19.94 35.10 -11.22
N ASN A 150 -19.54 36.06 -12.04
CA ASN A 150 -18.21 36.03 -12.64
C ASN A 150 -17.19 36.53 -11.62
N TYR A 151 -16.01 35.90 -11.57
CA TYR A 151 -14.91 36.39 -10.74
C TYR A 151 -13.62 36.39 -11.56
N ARG A 152 -12.71 37.31 -11.27
CA ARG A 152 -11.46 37.41 -12.05
C ARG A 152 -10.59 36.15 -11.94
N VAL A 153 -10.11 35.68 -13.09
CA VAL A 153 -9.25 34.50 -13.11
C VAL A 153 -7.87 34.84 -13.66
N GLY A 154 -6.94 33.90 -13.56
CA GLY A 154 -5.61 34.09 -14.11
C GLY A 154 -4.82 35.18 -13.41
N THR A 155 -3.97 35.86 -14.17
CA THR A 155 -3.21 36.99 -13.66
C THR A 155 -4.14 38.05 -13.04
N PHE A 156 -5.18 38.43 -13.78
CA PHE A 156 -6.08 39.51 -13.36
C PHE A 156 -6.72 39.19 -12.01
N GLY A 157 -6.96 37.92 -11.75
CA GLY A 157 -7.57 37.52 -10.49
C GLY A 157 -6.61 37.11 -9.39
N PHE A 158 -5.41 36.63 -9.74
CA PHE A 158 -4.56 36.00 -8.73
C PHE A 158 -3.06 36.32 -8.77
N LEU A 159 -2.64 37.18 -9.69
CA LEU A 159 -1.26 37.65 -9.68
C LEU A 159 -1.00 38.46 -8.41
N ALA A 160 -0.02 38.03 -7.61
CA ALA A 160 0.27 38.71 -6.36
C ALA A 160 1.74 39.02 -6.16
N LEU A 161 2.01 40.23 -5.68
CA LEU A 161 3.29 40.54 -5.06
C LEU A 161 2.98 40.72 -3.58
N PRO A 162 2.95 39.60 -2.83
CA PRO A 162 2.47 39.54 -1.43
C PRO A 162 3.05 40.64 -0.57
N GLY A 163 2.19 41.44 0.05
CA GLY A 163 2.63 42.51 0.92
C GLY A 163 2.48 43.87 0.28
N SER A 164 2.43 43.92 -1.04
CA SER A 164 2.24 45.18 -1.75
C SER A 164 0.78 45.65 -1.73
N ARG A 165 0.58 46.94 -2.04
CA ARG A 165 -0.74 47.54 -2.06
C ARG A 165 -1.41 47.38 -3.43
N GLU A 166 -0.57 47.32 -4.47
CA GLU A 166 -1.05 47.32 -5.85
C GLU A 166 -1.35 45.92 -6.42
N ALA A 167 -0.93 44.88 -5.71
CA ALA A 167 -1.27 43.49 -6.06
C ALA A 167 -1.19 42.60 -4.85
N PRO A 168 -2.15 42.73 -3.94
CA PRO A 168 -2.13 41.99 -2.66
C PRO A 168 -2.44 40.52 -2.86
N GLY A 169 -2.91 40.15 -4.04
CA GLY A 169 -3.34 38.79 -4.32
C GLY A 169 -4.75 38.44 -3.88
N ASN A 170 -5.25 37.30 -4.36
CA ASN A 170 -6.57 36.79 -4.00
C ASN A 170 -7.76 37.68 -4.41
N VAL A 171 -7.56 38.66 -5.29
CA VAL A 171 -8.65 39.57 -5.64
C VAL A 171 -9.80 38.86 -6.33
N GLY A 172 -9.50 37.75 -7.01
CA GLY A 172 -10.54 36.90 -7.58
C GLY A 172 -11.47 36.38 -6.51
N LEU A 173 -10.92 36.03 -5.35
CA LEU A 173 -11.73 35.56 -4.22
C LEU A 173 -12.52 36.71 -3.59
N LEU A 174 -11.94 37.91 -3.61
CA LEU A 174 -12.61 39.11 -3.11
C LEU A 174 -13.80 39.50 -4.00
N ASP A 175 -13.71 39.22 -5.31
CA ASP A 175 -14.81 39.40 -6.24
C ASP A 175 -15.99 38.52 -5.80
N GLN A 176 -15.68 37.25 -5.53
CA GLN A 176 -16.68 36.31 -5.02
C GLN A 176 -17.36 36.79 -3.74
N ARG A 177 -16.54 37.18 -2.75
CA ARG A 177 -17.06 37.69 -1.48
C ARG A 177 -18.00 38.89 -1.70
N LEU A 178 -17.63 39.78 -2.63
CA LEU A 178 -18.43 40.97 -2.89
C LEU A 178 -19.77 40.59 -3.52
N ALA A 179 -19.76 39.54 -4.34
CA ALA A 179 -21.02 39.03 -4.86
C ALA A 179 -21.85 38.43 -3.72
N LEU A 180 -21.18 37.80 -2.76
CA LEU A 180 -21.89 37.24 -1.61
C LEU A 180 -22.55 38.33 -0.76
N GLN A 181 -21.86 39.46 -0.59
CA GLN A 181 -22.44 40.61 0.11
C GLN A 181 -23.60 41.20 -0.67
N TRP A 182 -23.45 41.25 -1.99
CA TRP A 182 -24.51 41.69 -2.86
C TRP A 182 -25.78 40.86 -2.64
N VAL A 183 -25.62 39.54 -2.52
CA VAL A 183 -26.76 38.67 -2.26
C VAL A 183 -27.42 39.01 -0.91
N GLN A 184 -26.61 39.22 0.12
CA GLN A 184 -27.16 39.57 1.43
C GLN A 184 -27.99 40.84 1.36
N GLU A 185 -27.57 41.79 0.55
CA GLU A 185 -28.25 43.08 0.55
C GLU A 185 -29.47 43.10 -0.36
N ASN A 186 -29.41 42.35 -1.46
CA ASN A 186 -30.34 42.54 -2.57
C ASN A 186 -31.27 41.37 -2.89
N ILE A 187 -30.92 40.16 -2.46
CA ILE A 187 -31.62 38.95 -2.90
C ILE A 187 -33.10 38.88 -2.47
N ALA A 188 -33.41 39.53 -1.36
CA ALA A 188 -34.79 39.63 -0.89
C ALA A 188 -35.73 40.27 -1.91
N ALA A 189 -35.24 41.16 -2.77
CA ALA A 189 -36.06 41.80 -3.80
C ALA A 189 -36.44 40.83 -4.93
N PHE A 190 -35.98 39.60 -4.83
CA PHE A 190 -36.26 38.58 -5.83
C PHE A 190 -37.03 37.45 -5.17
N GLY A 191 -37.27 37.58 -3.87
CA GLY A 191 -37.93 36.52 -3.13
C GLY A 191 -36.94 35.56 -2.51
N GLY A 192 -35.65 35.90 -2.56
CA GLY A 192 -34.63 35.07 -1.94
C GLY A 192 -34.50 35.34 -0.45
N ASP A 193 -34.11 34.30 0.29
CA ASP A 193 -33.94 34.38 1.73
C ASP A 193 -32.45 34.55 2.03
N PRO A 194 -32.03 35.77 2.44
CA PRO A 194 -30.58 35.94 2.69
C PRO A 194 -30.11 35.19 3.94
N MET A 195 -31.05 34.59 4.67
CA MET A 195 -30.74 33.83 5.89
C MET A 195 -30.55 32.34 5.63
N SER A 196 -30.85 31.92 4.40
CA SER A 196 -30.58 30.55 3.94
C SER A 196 -29.82 30.65 2.64
N VAL A 197 -28.50 30.78 2.74
CA VAL A 197 -27.63 30.87 1.56
C VAL A 197 -26.60 29.73 1.53
N THR A 198 -26.74 28.87 0.53
CA THR A 198 -25.85 27.71 0.34
C THR A 198 -24.89 27.93 -0.83
N LEU A 199 -23.58 27.88 -0.59
CA LEU A 199 -22.59 27.94 -1.67
C LEU A 199 -22.39 26.54 -2.26
N PHE A 200 -22.26 26.46 -3.58
CA PHE A 200 -21.78 25.24 -4.21
C PHE A 200 -20.94 25.57 -5.44
N GLY A 201 -20.03 24.65 -5.77
CA GLY A 201 -19.07 24.87 -6.84
C GLY A 201 -18.26 23.63 -7.09
N GLU A 202 -17.70 23.55 -8.28
CA GLU A 202 -16.96 22.38 -8.71
C GLU A 202 -15.49 22.76 -8.98
N SER A 203 -14.57 21.83 -8.78
CA SER A 203 -13.14 22.07 -9.06
C SER A 203 -12.57 23.28 -8.29
N ALA A 204 -12.05 24.28 -9.00
CA ALA A 204 -11.56 25.50 -8.33
C ALA A 204 -12.69 26.28 -7.65
N GLY A 205 -13.93 26.08 -8.10
CA GLY A 205 -15.07 26.71 -7.46
C GLY A 205 -15.31 26.05 -6.11
N ALA A 206 -15.25 24.72 -6.12
CA ALA A 206 -15.21 23.93 -4.90
C ALA A 206 -14.15 24.46 -3.94
N ALA A 207 -12.91 24.61 -4.42
CA ALA A 207 -11.84 25.12 -3.57
C ALA A 207 -12.16 26.51 -3.04
N SER A 208 -12.76 27.34 -3.88
CA SER A 208 -13.21 28.67 -3.48
C SER A 208 -14.22 28.58 -2.34
N VAL A 209 -15.19 27.66 -2.45
CA VAL A 209 -16.13 27.45 -1.36
C VAL A 209 -15.35 27.12 -0.08
N GLY A 210 -14.36 26.24 -0.22
CA GLY A 210 -13.51 25.91 0.90
C GLY A 210 -12.86 27.11 1.55
N MET A 211 -12.31 28.00 0.72
CA MET A 211 -11.63 29.19 1.24
C MET A 211 -12.55 30.17 1.94
N HIS A 212 -13.82 30.22 1.52
CA HIS A 212 -14.79 31.07 2.19
C HIS A 212 -15.10 30.54 3.58
N ILE A 213 -15.18 29.22 3.70
CA ILE A 213 -15.31 28.56 5.00
C ILE A 213 -14.13 28.93 5.92
N LEU A 214 -12.93 28.96 5.35
CA LEU A 214 -11.73 29.21 6.14
C LEU A 214 -11.44 30.69 6.37
N SER A 215 -12.09 31.57 5.58
CA SER A 215 -11.87 33.01 5.74
C SER A 215 -12.98 33.65 6.55
N LEU A 216 -12.62 34.28 7.65
CA LEU A 216 -13.64 34.79 8.60
C LEU A 216 -14.67 35.77 8.02
N PRO A 217 -14.22 36.84 7.32
CA PRO A 217 -15.22 37.79 6.80
C PRO A 217 -16.24 37.18 5.83
N SER A 218 -15.96 36.01 5.26
CA SER A 218 -16.92 35.34 4.40
C SER A 218 -17.99 34.59 5.19
N ARG A 219 -17.65 34.21 6.41
CA ARG A 219 -18.45 33.25 7.17
C ARG A 219 -19.86 33.72 7.48
N SER A 220 -20.05 35.03 7.53
CA SER A 220 -21.37 35.60 7.83
C SER A 220 -22.21 35.77 6.57
N LEU A 221 -21.67 35.37 5.42
CA LEU A 221 -22.32 35.58 4.14
C LEU A 221 -23.00 34.31 3.61
N PHE A 222 -22.84 33.20 4.33
CA PHE A 222 -23.48 31.94 3.90
C PHE A 222 -23.74 31.01 5.08
N HIS A 223 -24.45 29.91 4.85
CA HIS A 223 -24.86 29.06 5.96
C HIS A 223 -24.48 27.60 5.78
N ARG A 224 -24.44 27.16 4.52
CA ARG A 224 -24.09 25.79 4.19
C ARG A 224 -23.19 25.80 2.96
N ALA A 225 -22.56 24.67 2.66
CA ALA A 225 -21.54 24.64 1.63
C ALA A 225 -21.44 23.28 0.95
N VAL A 226 -21.33 23.29 -0.38
CA VAL A 226 -21.15 22.07 -1.17
C VAL A 226 -19.85 22.14 -1.97
N LEU A 227 -19.00 21.12 -1.85
CA LEU A 227 -17.73 21.11 -2.57
C LEU A 227 -17.63 19.92 -3.51
N GLN A 228 -17.72 20.17 -4.81
CA GLN A 228 -17.74 19.10 -5.81
C GLN A 228 -16.37 19.00 -6.49
N SER A 229 -15.68 17.89 -6.27
CA SER A 229 -14.39 17.62 -6.91
C SER A 229 -13.35 18.73 -6.72
N GLY A 230 -13.19 19.21 -5.50
CA GLY A 230 -12.18 20.20 -5.21
C GLY A 230 -12.15 20.59 -3.74
N THR A 231 -11.00 21.09 -3.29
CA THR A 231 -10.74 21.38 -1.88
C THR A 231 -9.79 22.57 -1.75
N PRO A 232 -9.92 23.34 -0.65
CA PRO A 232 -8.95 24.44 -0.52
C PRO A 232 -7.59 23.88 -0.09
N ASN A 233 -7.58 22.75 0.62
CA ASN A 233 -6.33 22.04 0.87
C ASN A 233 -5.89 21.28 -0.40
N GLY A 234 -4.72 20.63 -0.36
CA GLY A 234 -4.24 19.91 -1.52
C GLY A 234 -3.15 20.63 -2.32
N PRO A 235 -2.63 19.99 -3.38
CA PRO A 235 -1.39 20.46 -4.03
C PRO A 235 -1.53 21.57 -5.09
N TRP A 236 -2.74 21.84 -5.58
CA TRP A 236 -2.90 22.80 -6.69
C TRP A 236 -3.64 24.11 -6.32
N ALA A 237 -4.45 24.08 -5.26
CA ALA A 237 -5.37 25.19 -4.96
C ALA A 237 -4.75 26.47 -4.36
N THR A 238 -3.60 26.36 -3.69
CA THR A 238 -2.90 27.54 -3.15
C THR A 238 -1.40 27.54 -3.50
N VAL A 239 -0.75 28.68 -3.33
CA VAL A 239 0.71 28.76 -3.39
C VAL A 239 1.20 29.62 -2.23
N SER A 240 2.43 29.40 -1.79
CA SER A 240 3.05 30.22 -0.75
C SER A 240 3.21 31.64 -1.25
N ALA A 241 3.49 32.58 -0.34
CA ALA A 241 3.79 33.94 -0.74
C ALA A 241 5.02 33.98 -1.64
N GLY A 242 6.07 33.27 -1.23
CA GLY A 242 7.30 33.21 -2.00
C GLY A 242 7.11 32.71 -3.42
N GLU A 243 6.25 31.71 -3.58
CA GLU A 243 6.04 31.14 -4.91
C GLU A 243 5.22 32.09 -5.79
N ALA A 244 4.18 32.71 -5.22
CA ALA A 244 3.39 33.69 -5.97
C ALA A 244 4.27 34.87 -6.41
N ARG A 245 5.14 35.35 -5.52
CA ARG A 245 6.10 36.40 -5.85
C ARG A 245 6.98 36.00 -7.02
N ARG A 246 7.52 34.79 -6.94
CA ARG A 246 8.42 34.29 -7.97
C ARG A 246 7.72 34.18 -9.32
N ARG A 247 6.49 33.69 -9.31
CA ARG A 247 5.73 33.56 -10.55
C ARG A 247 5.36 34.92 -11.16
N ALA A 248 5.02 35.88 -10.30
CA ALA A 248 4.61 37.21 -10.77
C ALA A 248 5.81 37.95 -11.33
N THR A 249 6.94 37.78 -10.66
CA THR A 249 8.16 38.45 -11.09
C THR A 249 8.61 37.90 -12.43
N LEU A 250 8.51 36.58 -12.58
CA LEU A 250 8.90 35.90 -13.82
C LEU A 250 8.03 36.37 -14.99
N LEU A 251 6.71 36.38 -14.76
CA LEU A 251 5.77 36.77 -15.80
C LEU A 251 6.00 38.20 -16.26
N ALA A 252 6.29 39.09 -15.33
CA ALA A 252 6.67 40.45 -15.67
C ALA A 252 7.87 40.47 -16.64
N ARG A 253 8.93 39.74 -16.31
CA ARG A 253 10.11 39.64 -17.18
C ARG A 253 9.74 39.21 -18.59
N LEU A 254 8.94 38.15 -18.68
CA LEU A 254 8.50 37.60 -19.96
C LEU A 254 7.70 38.59 -20.82
N VAL A 255 7.12 39.61 -20.19
CA VAL A 255 6.36 40.61 -20.94
C VAL A 255 7.06 41.97 -21.03
N GLY A 256 8.22 42.10 -20.38
CA GLY A 256 9.02 43.30 -20.50
C GLY A 256 9.11 44.22 -19.29
N CYS A 257 8.82 43.69 -18.10
CA CYS A 257 8.83 44.50 -16.87
C CYS A 257 9.66 43.84 -15.78
N PRO A 258 10.67 44.53 -15.23
CA PRO A 258 11.25 45.77 -15.76
C PRO A 258 12.24 45.43 -16.88
N GLY A 263 7.35 55.62 -4.33
CA GLY A 263 7.25 54.17 -4.34
C GLY A 263 8.46 53.51 -4.98
N GLY A 264 8.81 52.31 -4.50
CA GLY A 264 9.97 51.60 -5.00
C GLY A 264 9.64 50.39 -5.84
N ASN A 265 10.56 49.41 -5.87
CA ASN A 265 10.31 48.15 -6.58
C ASN A 265 9.03 47.50 -6.07
N ASP A 266 8.29 46.89 -7.01
CA ASP A 266 6.92 46.36 -6.86
C ASP A 266 5.92 47.34 -7.43
N THR A 267 5.95 48.56 -6.94
CA THR A 267 5.10 49.64 -7.44
C THR A 267 5.32 49.85 -8.94
N GLU A 268 6.58 50.00 -9.33
CA GLU A 268 6.96 50.23 -10.74
C GLU A 268 6.73 48.99 -11.60
N LEU A 269 6.99 47.83 -11.03
CA LEU A 269 6.80 46.57 -11.73
C LEU A 269 5.32 46.38 -12.09
N ILE A 270 4.45 46.58 -11.09
CA ILE A 270 3.02 46.40 -11.27
C ILE A 270 2.47 47.48 -12.21
N ALA A 271 2.99 48.70 -12.06
CA ALA A 271 2.59 49.79 -12.95
C ALA A 271 2.90 49.43 -14.40
N CYS A 272 4.04 48.79 -14.63
CA CYS A 272 4.39 48.38 -15.98
C CYS A 272 3.44 47.29 -16.48
N LEU A 273 3.19 46.28 -15.64
CA LEU A 273 2.23 45.22 -15.97
C LEU A 273 0.84 45.77 -16.38
N ARG A 274 0.45 46.90 -15.80
CA ARG A 274 -0.85 47.50 -16.11
C ARG A 274 -0.83 48.21 -17.46
N THR A 275 0.36 48.43 -18.01
CA THR A 275 0.44 49.00 -19.35
C THR A 275 0.32 47.92 -20.43
N ARG A 276 0.39 46.67 -20.00
CA ARG A 276 0.34 45.53 -20.93
C ARG A 276 -1.08 45.22 -21.37
N PRO A 277 -1.25 44.94 -22.67
CA PRO A 277 -2.54 44.46 -23.18
C PRO A 277 -2.88 43.17 -22.45
N ALA A 278 -4.15 42.93 -22.17
CA ALA A 278 -4.55 41.74 -21.43
C ALA A 278 -4.08 40.42 -22.10
N GLN A 279 -4.06 40.40 -23.42
CA GLN A 279 -3.67 39.19 -24.14
C GLN A 279 -2.20 38.84 -23.93
N ASP A 280 -1.35 39.86 -23.79
CA ASP A 280 0.08 39.64 -23.54
C ASP A 280 0.28 38.84 -22.25
N LEU A 281 -0.53 39.13 -21.24
CA LEU A 281 -0.42 38.43 -19.95
C LEU A 281 -0.89 36.99 -20.10
N VAL A 282 -2.07 36.82 -20.70
CA VAL A 282 -2.61 35.49 -20.98
C VAL A 282 -1.61 34.63 -21.78
N ASP A 283 -0.97 35.22 -22.78
CA ASP A 283 -0.05 34.49 -23.65
C ASP A 283 1.19 33.90 -22.94
N HIS A 284 1.51 34.38 -21.75
CA HIS A 284 2.67 33.90 -21.00
C HIS A 284 2.33 33.20 -19.70
N GLU A 285 1.04 33.13 -19.38
CA GLU A 285 0.58 32.53 -18.14
C GLU A 285 1.17 31.14 -17.83
N TRP A 286 1.12 30.23 -18.79
CA TRP A 286 1.60 28.85 -18.52
C TRP A 286 3.11 28.71 -18.39
N HIS A 287 3.84 29.76 -18.75
CA HIS A 287 5.30 29.67 -18.80
C HIS A 287 5.98 29.87 -17.45
N VAL A 288 5.20 30.18 -16.41
CA VAL A 288 5.78 30.41 -15.09
C VAL A 288 5.71 29.22 -14.13
N LEU A 289 5.19 28.07 -14.58
CA LEU A 289 5.17 26.88 -13.71
C LEU A 289 6.59 26.31 -13.51
N PRO A 290 6.95 26.01 -12.24
CA PRO A 290 8.29 25.53 -11.89
C PRO A 290 8.66 24.18 -12.53
N GLN A 291 7.71 23.28 -12.70
CA GLN A 291 8.00 22.02 -13.39
C GLN A 291 6.97 21.71 -14.48
N GLU A 292 7.38 20.88 -15.44
CA GLU A 292 6.48 20.28 -16.41
C GLU A 292 5.41 19.51 -15.62
N SER A 293 4.14 19.86 -15.81
CA SER A 293 3.09 19.35 -14.92
C SER A 293 1.69 19.36 -15.51
N ILE A 294 0.83 18.49 -14.98
CA ILE A 294 -0.62 18.57 -15.18
C ILE A 294 -1.29 18.81 -13.82
N PHE A 295 -2.53 19.32 -13.86
CA PHE A 295 -3.25 19.70 -12.64
C PHE A 295 -2.47 20.72 -11.80
N ARG A 296 -1.72 21.57 -12.49
CA ARG A 296 -1.12 22.76 -11.87
C ARG A 296 -1.49 24.01 -12.65
N PHE A 297 -1.77 25.08 -11.91
CA PHE A 297 -2.24 26.32 -12.50
C PHE A 297 -1.41 27.47 -11.98
N SER A 298 -0.97 28.34 -12.90
CA SER A 298 0.02 29.38 -12.60
C SER A 298 -0.40 30.40 -11.54
N PHE A 299 -1.65 30.85 -11.61
CA PHE A 299 -2.11 31.92 -10.72
C PHE A 299 -3.36 31.53 -9.95
N VAL A 300 -3.15 31.24 -8.67
CA VAL A 300 -4.16 30.64 -7.79
C VAL A 300 -4.15 31.42 -6.49
N PRO A 301 -5.12 31.13 -5.58
CA PRO A 301 -5.03 31.85 -4.30
C PRO A 301 -3.68 31.68 -3.58
N VAL A 302 -3.21 32.76 -2.97
CA VAL A 302 -1.96 32.76 -2.25
C VAL A 302 -2.20 32.76 -0.74
N VAL A 303 -1.37 32.04 0.01
CA VAL A 303 -1.43 32.08 1.46
C VAL A 303 -0.81 33.39 1.94
N ASP A 304 -1.66 34.35 2.25
CA ASP A 304 -1.23 35.73 2.44
C ASP A 304 -1.19 36.20 3.89
N GLY A 305 -1.75 35.40 4.79
CA GLY A 305 -1.88 35.81 6.18
C GLY A 305 -2.99 36.84 6.36
N ASP A 306 -3.91 36.87 5.40
CA ASP A 306 -5.02 37.83 5.40
C ASP A 306 -6.34 37.13 5.06
N PHE A 307 -6.68 37.07 3.78
CA PHE A 307 -7.79 36.22 3.36
C PHE A 307 -7.56 34.80 3.91
N LEU A 308 -6.36 34.27 3.70
CA LEU A 308 -5.98 33.00 4.34
C LEU A 308 -4.95 33.25 5.46
N SER A 309 -5.38 33.14 6.72
CA SER A 309 -4.52 33.45 7.86
C SER A 309 -3.33 32.50 7.99
N ASP A 310 -3.49 31.30 7.42
CA ASP A 310 -2.44 30.29 7.37
C ASP A 310 -2.76 29.37 6.19
N THR A 311 -1.96 28.33 5.98
CA THR A 311 -2.23 27.34 4.94
C THR A 311 -3.57 26.68 5.25
N PRO A 312 -4.34 26.32 4.20
CA PRO A 312 -5.61 25.60 4.38
C PRO A 312 -5.41 24.32 5.19
N GLU A 313 -4.29 23.64 4.99
CA GLU A 313 -3.98 22.42 5.74
C GLU A 313 -3.98 22.70 7.24
N ALA A 314 -3.26 23.75 7.64
CA ALA A 314 -3.24 24.18 9.03
C ALA A 314 -4.62 24.63 9.54
N LEU A 315 -5.38 25.33 8.70
CA LEU A 315 -6.67 25.87 9.12
C LEU A 315 -7.70 24.77 9.35
N ILE A 316 -7.73 23.75 8.48
CA ILE A 316 -8.69 22.67 8.67
C ILE A 316 -8.32 21.76 9.86
N ASN A 317 -7.02 21.61 10.11
CA ASN A 317 -6.55 20.79 11.23
C ASN A 317 -6.92 21.40 12.57
N THR A 318 -6.91 22.72 12.63
CA THR A 318 -7.07 23.46 13.89
C THR A 318 -8.27 24.39 13.89
N GLY A 319 -9.35 24.00 13.24
CA GLY A 319 -10.52 24.86 13.16
C GLY A 319 -11.71 24.35 13.96
N ASP A 320 -12.60 25.26 14.37
CA ASP A 320 -13.85 24.85 14.99
C ASP A 320 -14.96 24.92 13.94
N PHE A 321 -15.52 23.76 13.60
CA PHE A 321 -16.56 23.69 12.58
C PHE A 321 -17.88 23.18 13.13
N GLN A 322 -18.12 23.42 14.42
CA GLN A 322 -19.43 23.16 15.01
C GLN A 322 -20.48 23.89 14.19
N ASP A 323 -21.62 23.23 13.99
CA ASP A 323 -22.75 23.83 13.29
C ASP A 323 -22.35 24.37 11.90
N LEU A 324 -21.65 23.54 11.15
CA LEU A 324 -21.38 23.82 9.74
C LEU A 324 -21.83 22.59 9.00
N GLN A 325 -22.66 22.75 7.98
CA GLN A 325 -23.08 21.61 7.18
C GLN A 325 -22.49 21.65 5.79
N VAL A 326 -21.81 20.56 5.43
CA VAL A 326 -21.08 20.45 4.18
C VAL A 326 -21.44 19.18 3.41
N LEU A 327 -21.64 19.32 2.09
CA LEU A 327 -21.73 18.19 1.19
C LEU A 327 -20.48 18.19 0.32
N VAL A 328 -19.76 17.07 0.30
CA VAL A 328 -18.55 16.93 -0.52
C VAL A 328 -18.58 15.62 -1.28
N GLY A 329 -17.84 15.56 -2.39
CA GLY A 329 -17.81 14.34 -3.17
C GLY A 329 -16.89 14.45 -4.38
N VAL A 330 -16.87 13.39 -5.18
CA VAL A 330 -15.91 13.25 -6.28
C VAL A 330 -16.59 12.45 -7.40
N VAL A 331 -16.05 12.53 -8.61
CA VAL A 331 -16.52 11.68 -9.70
C VAL A 331 -15.60 10.45 -9.78
N LYS A 332 -16.04 9.40 -10.46
CA LYS A 332 -15.33 8.11 -10.45
C LYS A 332 -13.92 8.16 -11.03
N ASP A 333 -13.72 9.06 -12.01
CA ASP A 333 -12.45 9.13 -12.72
C ASP A 333 -11.90 10.56 -12.76
N GLU A 334 -11.54 11.07 -11.59
CA GLU A 334 -11.06 12.45 -11.47
C GLU A 334 -9.85 12.80 -12.35
N GLY A 335 -8.96 11.82 -12.59
CA GLY A 335 -7.70 12.14 -13.24
C GLY A 335 -7.66 12.09 -14.76
N SER A 336 -8.53 11.29 -15.37
CA SER A 336 -8.45 11.02 -16.81
C SER A 336 -8.36 12.26 -17.72
N TYR A 337 -9.25 13.23 -17.50
CA TYR A 337 -9.27 14.48 -18.27
C TYR A 337 -7.87 15.09 -18.40
N PHE A 338 -7.13 15.07 -17.30
CA PHE A 338 -5.87 15.79 -17.23
C PHE A 338 -4.74 15.16 -18.04
N LEU A 339 -4.78 13.85 -18.24
CA LEU A 339 -3.70 13.12 -18.92
C LEU A 339 -3.46 13.60 -20.35
N VAL A 340 -4.52 13.98 -21.05
CA VAL A 340 -4.38 14.39 -22.45
C VAL A 340 -3.78 15.79 -22.60
N TYR A 341 -3.64 16.50 -21.49
CA TYR A 341 -3.03 17.83 -21.51
C TYR A 341 -1.56 17.84 -21.07
N GLY A 342 -0.84 16.75 -21.30
CA GLY A 342 0.57 16.72 -20.92
C GLY A 342 1.32 15.39 -20.84
N VAL A 343 0.64 14.31 -20.47
CA VAL A 343 1.33 13.03 -20.32
C VAL A 343 1.46 12.29 -21.65
N PRO A 344 2.71 12.11 -22.12
CA PRO A 344 2.91 11.43 -23.41
C PRO A 344 2.28 10.04 -23.40
N GLY A 345 1.68 9.63 -24.52
CA GLY A 345 0.97 8.37 -24.60
C GLY A 345 -0.54 8.54 -24.55
N PHE A 346 -1.02 9.66 -23.99
CA PHE A 346 -2.46 9.88 -23.84
C PHE A 346 -3.12 10.77 -24.89
N SER A 347 -4.27 10.33 -25.38
CA SER A 347 -5.09 11.06 -26.35
C SER A 347 -6.55 10.62 -26.21
N LYS A 348 -7.47 11.45 -26.68
CA LYS A 348 -8.89 11.10 -26.66
C LYS A 348 -9.23 10.29 -27.90
N ASP A 349 -8.28 10.20 -28.82
CA ASP A 349 -8.54 9.61 -30.12
C ASP A 349 -8.04 8.17 -30.25
N ASN A 350 -7.41 7.67 -29.19
CA ASN A 350 -7.11 6.24 -29.08
C ASN A 350 -7.26 5.75 -27.65
N GLU A 351 -6.98 4.47 -27.44
CA GLU A 351 -7.21 3.84 -26.14
C GLU A 351 -6.20 4.25 -25.08
N SER A 352 -5.17 5.01 -25.48
CA SER A 352 -4.12 5.47 -24.58
C SER A 352 -3.45 4.35 -23.77
N LEU A 353 -3.31 3.17 -24.37
CA LEU A 353 -2.58 2.07 -23.73
C LEU A 353 -1.08 2.41 -23.69
N ILE A 354 -0.53 2.60 -22.49
CA ILE A 354 0.85 3.07 -22.33
C ILE A 354 1.83 1.99 -21.81
N SER A 355 3.12 2.19 -22.06
CA SER A 355 4.16 1.31 -21.54
C SER A 355 4.49 1.66 -20.09
N ARG A 356 5.17 0.74 -19.41
CA ARG A 356 5.64 0.99 -18.06
C ARG A 356 6.52 2.23 -18.04
N ALA A 357 7.37 2.36 -19.05
CA ALA A 357 8.24 3.52 -19.14
C ALA A 357 7.43 4.82 -19.18
N GLN A 358 6.37 4.82 -19.97
CA GLN A 358 5.52 5.99 -20.08
C GLN A 358 4.80 6.31 -18.77
N PHE A 359 4.48 5.28 -18.02
CA PHE A 359 3.89 5.45 -16.69
C PHE A 359 4.84 6.22 -15.77
N LEU A 360 6.07 5.72 -15.64
CA LEU A 360 7.10 6.35 -14.82
C LEU A 360 7.31 7.82 -15.21
N ALA A 361 7.39 8.10 -16.51
CA ALA A 361 7.50 9.47 -16.99
C ALA A 361 6.26 10.29 -16.58
N GLY A 362 5.08 9.67 -16.68
CA GLY A 362 3.83 10.34 -16.35
C GLY A 362 3.70 10.68 -14.88
N VAL A 363 4.26 9.84 -14.02
CA VAL A 363 4.19 10.06 -12.58
C VAL A 363 4.98 11.31 -12.21
N ARG A 364 6.12 11.53 -12.85
CA ARG A 364 6.94 12.70 -12.60
C ARG A 364 6.19 13.98 -13.00
N ILE A 365 5.31 13.85 -13.99
CA ILE A 365 4.56 15.00 -14.50
C ILE A 365 3.30 15.24 -13.66
N GLY A 366 2.62 14.16 -13.29
CA GLY A 366 1.40 14.24 -12.48
C GLY A 366 1.65 14.52 -11.00
N VAL A 367 2.86 14.21 -10.54
CA VAL A 367 3.28 14.51 -9.19
C VAL A 367 4.57 15.32 -9.27
N PRO A 368 4.49 16.51 -9.86
CA PRO A 368 5.69 17.25 -10.28
C PRO A 368 6.58 17.67 -9.13
N GLN A 369 6.01 17.71 -7.93
CA GLN A 369 6.72 18.15 -6.73
CA GLN A 369 6.78 18.16 -6.77
C GLN A 369 7.43 17.00 -6.00
N ALA A 370 7.33 15.78 -6.53
CA ALA A 370 7.89 14.61 -5.87
C ALA A 370 9.39 14.45 -6.08
N SER A 371 10.11 14.07 -5.02
CA SER A 371 11.51 13.66 -5.21
C SER A 371 11.53 12.33 -5.94
N ASP A 372 12.71 11.87 -6.32
CA ASP A 372 12.80 10.58 -7.00
C ASP A 372 12.32 9.45 -6.08
N LEU A 373 12.64 9.55 -4.79
CA LEU A 373 12.20 8.55 -3.80
C LEU A 373 10.67 8.55 -3.67
N ALA A 374 10.09 9.73 -3.49
CA ALA A 374 8.63 9.87 -3.44
C ALA A 374 7.98 9.35 -4.71
N ALA A 375 8.58 9.66 -5.86
CA ALA A 375 8.05 9.20 -7.15
C ALA A 375 8.05 7.68 -7.19
N GLU A 376 9.15 7.11 -6.71
CA GLU A 376 9.31 5.67 -6.60
C GLU A 376 8.20 5.07 -5.74
N ALA A 377 7.96 5.65 -4.57
CA ALA A 377 6.90 5.17 -3.71
C ALA A 377 5.54 5.14 -4.42
N VAL A 378 5.25 6.16 -5.22
CA VAL A 378 3.97 6.25 -5.94
C VAL A 378 3.84 5.10 -6.94
N VAL A 379 4.88 4.97 -7.77
CA VAL A 379 4.96 3.90 -8.76
C VAL A 379 4.83 2.50 -8.13
N LEU A 380 5.51 2.30 -7.01
CA LEU A 380 5.42 1.03 -6.31
C LEU A 380 4.01 0.79 -5.75
N HIS A 381 3.39 1.82 -5.19
CA HIS A 381 2.03 1.67 -4.66
C HIS A 381 1.00 1.38 -5.78
N TYR A 382 1.11 2.09 -6.89
CA TYR A 382 0.11 1.98 -7.95
C TYR A 382 0.35 0.85 -8.95
N THR A 383 1.55 0.27 -8.95
CA THR A 383 1.83 -0.89 -9.79
C THR A 383 1.00 -2.10 -9.38
N ASP A 384 0.44 -2.80 -10.36
CA ASP A 384 -0.13 -4.13 -10.13
C ASP A 384 0.97 -5.20 -10.28
N TRP A 385 1.41 -5.78 -9.17
CA TRP A 385 2.60 -6.61 -9.21
C TRP A 385 2.38 -7.98 -9.85
N LEU A 386 1.12 -8.34 -10.08
CA LEU A 386 0.79 -9.50 -10.91
C LEU A 386 0.83 -9.19 -12.40
N HIS A 387 0.67 -7.91 -12.75
CA HIS A 387 0.69 -7.51 -14.16
C HIS A 387 1.35 -6.13 -14.32
N PRO A 388 2.64 -6.03 -13.93
CA PRO A 388 3.29 -4.71 -13.85
C PRO A 388 3.51 -4.05 -15.20
N GLU A 389 3.33 -4.79 -16.28
CA GLU A 389 3.58 -4.28 -17.63
C GLU A 389 2.31 -4.16 -18.50
N ASP A 390 1.16 -4.58 -17.96
CA ASP A 390 -0.13 -4.48 -18.65
C ASP A 390 -0.48 -3.02 -18.96
N PRO A 391 -0.56 -2.66 -20.25
CA PRO A 391 -0.79 -1.28 -20.70
C PRO A 391 -2.12 -0.70 -20.24
N THR A 392 -3.14 -1.54 -20.13
CA THR A 392 -4.45 -1.10 -19.66
C THR A 392 -4.40 -0.72 -18.18
N HIS A 393 -3.75 -1.56 -17.38
CA HIS A 393 -3.62 -1.23 -15.96
CA HIS A 393 -3.55 -1.29 -15.96
C HIS A 393 -2.78 0.02 -15.76
N LEU A 394 -1.70 0.16 -16.51
CA LEU A 394 -0.84 1.34 -16.39
C LEU A 394 -1.59 2.62 -16.81
N ARG A 395 -2.40 2.52 -17.86
CA ARG A 395 -3.27 3.61 -18.30
C ARG A 395 -4.17 4.06 -17.15
N ASP A 396 -4.99 3.14 -16.65
CA ASP A 396 -5.91 3.44 -15.57
C ASP A 396 -5.20 3.87 -14.27
N ALA A 397 -4.01 3.32 -14.03
CA ALA A 397 -3.25 3.68 -12.84
C ALA A 397 -2.70 5.11 -12.92
N MET A 398 -2.26 5.51 -14.11
CA MET A 398 -1.86 6.88 -14.34
C MET A 398 -3.02 7.83 -14.00
N SER A 399 -4.21 7.52 -14.51
CA SER A 399 -5.39 8.33 -14.25
C SER A 399 -5.67 8.39 -12.74
N ALA A 400 -5.43 7.27 -12.06
CA ALA A 400 -5.74 7.20 -10.63
C ALA A 400 -4.74 7.95 -9.75
N VAL A 401 -3.47 7.92 -10.14
CA VAL A 401 -2.44 8.71 -9.47
C VAL A 401 -2.83 10.19 -9.45
N VAL A 402 -3.19 10.71 -10.64
CA VAL A 402 -3.56 12.11 -10.80
C VAL A 402 -4.85 12.48 -10.08
N GLY A 403 -5.85 11.60 -10.17
CA GLY A 403 -7.13 11.83 -9.52
C GLY A 403 -7.09 11.75 -8.00
N ASP A 404 -6.32 10.81 -7.48
CA ASP A 404 -6.19 10.61 -6.03
C ASP A 404 -5.37 11.72 -5.39
N HIS A 405 -4.23 12.04 -6.02
CA HIS A 405 -3.33 13.06 -5.51
C HIS A 405 -4.02 14.42 -5.45
N ASN A 406 -4.73 14.76 -6.52
CA ASN A 406 -5.30 16.12 -6.64
C ASN A 406 -6.71 16.33 -6.08
N VAL A 407 -7.55 15.31 -6.11
CA VAL A 407 -8.94 15.47 -5.67
C VAL A 407 -9.38 14.50 -4.59
N VAL A 408 -9.41 13.21 -4.92
CA VAL A 408 -10.01 12.22 -4.02
C VAL A 408 -9.38 12.20 -2.63
N CYS A 409 -8.08 12.35 -2.53
CA CYS A 409 -7.43 12.32 -1.22
C CYS A 409 -7.48 13.64 -0.45
N PRO A 410 -7.36 14.78 -1.16
CA PRO A 410 -7.65 16.04 -0.47
C PRO A 410 -9.09 16.08 0.07
N VAL A 411 -10.06 15.59 -0.70
CA VAL A 411 -11.46 15.53 -0.24
C VAL A 411 -11.62 14.65 0.99
N ALA A 412 -10.95 13.51 0.98
CA ALA A 412 -10.97 12.58 2.10
C ALA A 412 -10.37 13.22 3.35
N GLN A 413 -9.27 13.94 3.16
CA GLN A 413 -8.60 14.64 4.25
C GLN A 413 -9.55 15.70 4.82
N LEU A 414 -10.11 16.54 3.93
CA LEU A 414 -11.07 17.56 4.32
C LEU A 414 -12.25 16.97 5.10
N ALA A 415 -12.90 15.96 4.50
CA ALA A 415 -14.08 15.33 5.12
C ALA A 415 -13.81 14.80 6.54
N GLY A 416 -12.68 14.11 6.70
CA GLY A 416 -12.36 13.52 7.99
C GLY A 416 -11.96 14.57 9.00
N ARG A 417 -11.30 15.62 8.51
CA ARG A 417 -10.87 16.71 9.37
C ARG A 417 -12.08 17.51 9.84
N LEU A 418 -13.00 17.80 8.92
CA LEU A 418 -14.24 18.52 9.24
C LEU A 418 -15.13 17.72 10.19
N ALA A 419 -15.39 16.46 9.86
CA ALA A 419 -16.24 15.62 10.71
C ALA A 419 -15.72 15.48 12.14
N ALA A 420 -14.40 15.51 12.30
CA ALA A 420 -13.81 15.36 13.62
C ALA A 420 -13.83 16.68 14.38
N GLN A 421 -14.03 17.78 13.64
CA GLN A 421 -13.99 19.11 14.23
C GLN A 421 -15.40 19.70 14.39
N GLY A 422 -16.41 18.83 14.38
CA GLY A 422 -17.77 19.24 14.69
C GLY A 422 -18.74 19.41 13.53
N ALA A 423 -18.22 19.51 12.31
CA ALA A 423 -19.07 19.72 11.14
C ALA A 423 -19.96 18.53 10.86
N ARG A 424 -21.12 18.79 10.26
CA ARG A 424 -21.94 17.72 9.70
C ARG A 424 -21.56 17.55 8.25
N VAL A 425 -21.05 16.36 7.90
CA VAL A 425 -20.52 16.12 6.56
C VAL A 425 -21.33 15.04 5.83
N TYR A 426 -21.59 15.27 4.54
CA TYR A 426 -22.23 14.26 3.69
C TYR A 426 -21.35 14.06 2.48
N ALA A 427 -21.06 12.81 2.15
CA ALA A 427 -20.08 12.53 1.11
C ALA A 427 -20.62 11.58 0.05
N TYR A 428 -20.23 11.82 -1.20
CA TYR A 428 -20.69 10.97 -2.31
C TYR A 428 -19.55 10.60 -3.27
N ILE A 429 -19.76 9.55 -4.05
CA ILE A 429 -19.01 9.35 -5.28
C ILE A 429 -20.00 9.30 -6.45
N PHE A 430 -19.73 10.10 -7.48
CA PHE A 430 -20.59 10.14 -8.66
C PHE A 430 -20.07 9.19 -9.76
N GLU A 431 -20.81 8.12 -10.00
CA GLU A 431 -20.36 7.06 -10.91
C GLU A 431 -21.10 6.92 -12.24
N HIS A 432 -22.02 7.82 -12.55
CA HIS A 432 -22.74 7.69 -13.83
C HIS A 432 -22.08 8.45 -14.98
N ARG A 433 -21.82 7.72 -16.06
CA ARG A 433 -21.28 8.30 -17.29
C ARG A 433 -22.43 8.69 -18.23
N ALA A 434 -22.50 9.96 -18.61
CA ALA A 434 -23.57 10.45 -19.49
C ALA A 434 -23.57 9.74 -20.83
N SER A 435 -24.75 9.36 -21.31
CA SER A 435 -24.89 8.70 -22.61
C SER A 435 -24.43 9.62 -23.74
N THR A 436 -24.41 10.92 -23.45
CA THR A 436 -24.08 11.95 -24.42
C THR A 436 -22.61 12.37 -24.41
N LEU A 437 -21.83 11.80 -23.51
CA LEU A 437 -20.42 12.16 -23.34
C LEU A 437 -19.65 11.98 -24.66
N THR A 438 -18.88 13.00 -25.05
CA THR A 438 -18.11 12.93 -26.30
C THR A 438 -16.67 12.46 -26.08
N TRP A 439 -16.26 12.40 -24.82
CA TRP A 439 -14.94 11.84 -24.48
C TRP A 439 -14.96 10.31 -24.61
N PRO A 440 -13.78 9.70 -24.84
CA PRO A 440 -13.76 8.24 -25.06
C PRO A 440 -14.12 7.45 -23.81
N LEU A 441 -14.41 6.16 -23.98
CA LEU A 441 -14.81 5.32 -22.87
C LEU A 441 -13.73 5.22 -21.81
N TRP A 442 -12.47 5.09 -22.24
CA TRP A 442 -11.37 4.91 -21.29
C TRP A 442 -11.32 5.97 -20.18
N MET A 443 -11.83 7.17 -20.47
CA MET A 443 -11.82 8.26 -19.49
C MET A 443 -12.90 8.10 -18.41
N GLY A 444 -13.79 7.13 -18.58
CA GLY A 444 -14.78 6.81 -17.55
C GLY A 444 -15.75 7.96 -17.30
N VAL A 445 -15.90 8.33 -16.02
CA VAL A 445 -16.68 9.51 -15.63
C VAL A 445 -15.70 10.59 -15.22
N PRO A 446 -15.38 11.52 -16.14
CA PRO A 446 -14.28 12.47 -15.90
C PRO A 446 -14.67 13.68 -15.07
N HIS A 447 -13.65 14.38 -14.59
CA HIS A 447 -13.76 15.64 -13.85
C HIS A 447 -14.76 16.59 -14.55
N GLY A 448 -15.76 17.08 -13.81
CA GLY A 448 -16.72 18.03 -14.33
C GLY A 448 -18.03 17.48 -14.87
N TYR A 449 -18.15 16.15 -15.00
CA TYR A 449 -19.34 15.61 -15.67
C TYR A 449 -20.50 15.13 -14.79
N GLU A 450 -20.49 15.59 -13.54
CA GLU A 450 -21.68 15.47 -12.69
C GLU A 450 -22.51 16.75 -12.79
N ILE A 451 -21.86 17.86 -13.16
CA ILE A 451 -22.45 19.19 -13.12
C ILE A 451 -23.77 19.30 -13.91
N GLU A 452 -23.74 18.83 -15.16
CA GLU A 452 -24.90 18.88 -16.04
C GLU A 452 -26.10 18.13 -15.44
N PHE A 453 -25.82 17.19 -14.54
CA PHE A 453 -26.89 16.45 -13.87
C PHE A 453 -27.42 17.19 -12.64
N ILE A 454 -26.51 17.77 -11.86
CA ILE A 454 -26.89 18.61 -10.72
C ILE A 454 -27.80 19.76 -11.17
N PHE A 455 -27.47 20.37 -12.31
CA PHE A 455 -28.20 21.51 -12.84
C PHE A 455 -29.45 21.13 -13.64
N GLY A 456 -29.62 19.84 -13.94
CA GLY A 456 -30.87 19.35 -14.51
C GLY A 456 -30.99 19.43 -16.02
N LEU A 457 -29.85 19.63 -16.70
CA LEU A 457 -29.83 19.61 -18.16
C LEU A 457 -30.54 18.42 -18.83
N PRO A 458 -30.50 17.21 -18.22
CA PRO A 458 -31.27 16.13 -18.86
C PRO A 458 -32.77 16.39 -19.00
N LEU A 459 -33.30 17.43 -18.34
CA LEU A 459 -34.71 17.80 -18.49
C LEU A 459 -35.01 18.49 -19.83
N ASP A 460 -33.97 18.98 -20.48
CA ASP A 460 -34.09 19.55 -21.82
C ASP A 460 -34.20 18.42 -22.85
N PRO A 461 -35.40 18.26 -23.45
CA PRO A 461 -35.64 17.15 -24.37
C PRO A 461 -34.73 17.22 -25.59
N SER A 462 -34.45 18.43 -26.06
CA SER A 462 -33.55 18.62 -27.20
C SER A 462 -32.12 18.10 -26.98
N LEU A 463 -31.77 17.76 -25.74
CA LEU A 463 -30.42 17.33 -25.42
C LEU A 463 -30.19 15.82 -25.55
N ASN A 464 -31.26 15.05 -25.74
CA ASN A 464 -31.14 13.61 -26.04
C ASN A 464 -30.58 12.71 -24.91
N TYR A 465 -30.76 13.12 -23.67
CA TYR A 465 -30.49 12.22 -22.54
C TYR A 465 -31.56 11.13 -22.48
N THR A 466 -31.29 10.04 -21.77
CA THR A 466 -32.28 8.96 -21.57
C THR A 466 -33.33 9.34 -20.54
N THR A 467 -34.42 8.56 -20.47
CA THR A 467 -35.46 8.80 -19.47
C THR A 467 -34.90 8.60 -18.05
N GLU A 468 -34.08 7.56 -17.89
CA GLU A 468 -33.47 7.26 -16.59
C GLU A 468 -32.53 8.37 -16.15
N GLU A 469 -31.87 9.02 -17.11
CA GLU A 469 -31.03 10.17 -16.80
C GLU A 469 -31.85 11.36 -16.35
N ARG A 470 -33.09 11.47 -16.83
CA ARG A 470 -33.98 12.53 -16.39
C ARG A 470 -34.36 12.34 -14.93
N ILE A 471 -34.79 11.11 -14.62
CA ILE A 471 -35.17 10.74 -13.25
C ILE A 471 -33.98 10.90 -12.31
N PHE A 472 -32.80 10.49 -12.79
CA PHE A 472 -31.56 10.59 -12.04
C PHE A 472 -31.25 12.05 -11.75
N ALA A 473 -31.35 12.90 -12.77
CA ALA A 473 -31.07 14.32 -12.60
C ALA A 473 -31.99 14.95 -11.56
N GLN A 474 -33.27 14.57 -11.60
CA GLN A 474 -34.26 15.05 -10.64
C GLN A 474 -33.93 14.65 -9.20
N ARG A 475 -33.48 13.40 -9.01
CA ARG A 475 -33.02 12.95 -7.69
C ARG A 475 -31.93 13.86 -7.14
N LEU A 476 -30.90 14.08 -7.97
CA LEU A 476 -29.75 14.92 -7.60
C LEU A 476 -30.15 16.36 -7.28
N MET A 477 -31.06 16.92 -8.08
CA MET A 477 -31.58 18.25 -7.81
C MET A 477 -32.27 18.30 -6.45
N LYS A 478 -33.04 17.27 -6.13
CA LYS A 478 -33.64 17.15 -4.80
C LYS A 478 -32.60 17.02 -3.68
N TYR A 479 -31.54 16.24 -3.89
CA TYR A 479 -30.51 16.08 -2.87
C TYR A 479 -29.88 17.43 -2.54
N TRP A 480 -29.43 18.12 -3.59
CA TRP A 480 -28.77 19.40 -3.45
C TRP A 480 -29.69 20.46 -2.79
N THR A 481 -30.94 20.54 -3.25
CA THR A 481 -31.89 21.53 -2.73
C THR A 481 -32.39 21.18 -1.34
N ASN A 482 -32.68 19.90 -1.08
CA ASN A 482 -33.00 19.47 0.29
C ASN A 482 -31.88 19.87 1.24
N PHE A 483 -30.63 19.73 0.76
CA PHE A 483 -29.47 20.08 1.57
C PHE A 483 -29.36 21.60 1.77
N ALA A 484 -29.58 22.35 0.70
CA ALA A 484 -29.68 23.82 0.78
C ALA A 484 -30.73 24.26 1.79
N ARG A 485 -31.88 23.58 1.81
CA ARG A 485 -33.00 23.99 2.67
C ARG A 485 -32.84 23.58 4.13
N THR A 486 -32.26 22.41 4.36
CA THR A 486 -32.28 21.80 5.69
C THR A 486 -30.90 21.51 6.29
N GLY A 487 -29.90 21.33 5.43
CA GLY A 487 -28.61 20.86 5.88
C GLY A 487 -28.60 19.36 5.92
N ASP A 488 -29.43 18.77 5.06
CA ASP A 488 -29.65 17.33 5.01
C ASP A 488 -30.26 16.99 3.66
N PRO A 489 -29.55 16.18 2.86
CA PRO A 489 -29.97 15.84 1.49
C PRO A 489 -31.17 14.91 1.44
N ASN A 490 -31.48 14.26 2.56
CA ASN A 490 -32.60 13.32 2.60
C ASN A 490 -33.98 13.97 2.57
N ASP A 491 -34.93 13.33 1.91
CA ASP A 491 -36.32 13.79 1.93
C ASP A 491 -36.97 13.30 3.23
N PRO A 492 -37.39 14.24 4.09
CA PRO A 492 -37.93 13.94 5.43
C PRO A 492 -39.18 13.07 5.42
N ARG A 493 -39.86 12.96 4.28
CA ARG A 493 -41.08 12.16 4.21
C ARG A 493 -40.81 10.76 3.68
N ASP A 494 -39.75 10.63 2.88
CA ASP A 494 -39.45 9.42 2.14
C ASP A 494 -38.44 8.52 2.87
N SER A 495 -38.90 7.89 3.94
CA SER A 495 -38.08 6.95 4.72
C SER A 495 -37.93 5.62 3.99
N LYS A 496 -38.93 5.29 3.17
CA LYS A 496 -38.88 4.10 2.29
C LYS A 496 -37.61 4.07 1.44
N SER A 497 -37.37 5.17 0.72
CA SER A 497 -36.10 5.40 0.01
C SER A 497 -34.93 5.19 0.95
N PRO A 498 -33.82 4.62 0.45
CA PRO A 498 -32.64 4.44 1.30
C PRO A 498 -32.07 5.80 1.70
N GLN A 499 -31.48 5.86 2.89
CA GLN A 499 -31.01 7.11 3.48
C GLN A 499 -29.54 7.40 3.21
N TRP A 500 -29.20 8.69 3.22
CA TRP A 500 -27.83 9.17 3.09
C TRP A 500 -27.30 9.54 4.47
N PRO A 501 -26.45 8.68 5.06
CA PRO A 501 -25.95 8.94 6.40
C PRO A 501 -24.80 9.92 6.37
N PRO A 502 -24.62 10.72 7.43
CA PRO A 502 -23.47 11.64 7.51
C PRO A 502 -22.13 10.89 7.47
N TYR A 503 -21.07 11.53 6.98
CA TYR A 503 -19.72 10.97 7.06
C TYR A 503 -19.14 11.17 8.46
N THR A 504 -18.70 10.09 9.10
CA THR A 504 -18.02 10.17 10.40
C THR A 504 -16.61 9.61 10.38
N THR A 505 -15.78 10.02 11.34
CA THR A 505 -14.46 9.43 11.49
C THR A 505 -14.55 7.94 11.80
N ALA A 506 -15.53 7.59 12.64
CA ALA A 506 -15.67 6.20 13.07
C ALA A 506 -16.11 5.27 11.93
N ALA A 507 -17.12 5.68 11.17
CA ALA A 507 -17.70 4.79 10.16
C ALA A 507 -17.33 5.13 8.72
N GLN A 508 -16.93 6.37 8.46
CA GLN A 508 -16.46 6.79 7.15
C GLN A 508 -17.41 6.44 6.00
N GLN A 509 -18.70 6.63 6.24
CA GLN A 509 -19.72 6.34 5.22
C GLN A 509 -19.94 7.44 4.20
N TYR A 510 -20.13 7.02 2.95
CA TYR A 510 -20.49 7.91 1.85
C TYR A 510 -21.42 7.12 0.93
N VAL A 511 -22.07 7.77 -0.03
CA VAL A 511 -22.98 7.07 -0.93
C VAL A 511 -22.56 7.10 -2.40
N SER A 512 -22.96 6.07 -3.14
CA SER A 512 -22.78 6.05 -4.59
C SER A 512 -23.90 6.82 -5.28
N LEU A 513 -23.54 7.71 -6.20
CA LEU A 513 -24.52 8.40 -7.02
C LEU A 513 -24.53 7.85 -8.46
N ASN A 514 -25.48 6.95 -8.75
CA ASN A 514 -25.69 6.42 -10.11
C ASN A 514 -27.17 6.17 -10.43
N LEU A 515 -27.42 5.44 -11.52
CA LEU A 515 -28.79 5.19 -11.96
C LEU A 515 -29.58 4.32 -10.97
N LYS A 516 -28.87 3.66 -10.07
CA LYS A 516 -29.47 2.77 -9.09
C LYS A 516 -29.72 3.52 -7.77
N PRO A 517 -30.54 2.95 -6.88
CA PRO A 517 -30.77 3.61 -5.59
C PRO A 517 -29.48 3.79 -4.81
N LEU A 518 -29.49 4.70 -3.84
CA LEU A 518 -28.33 4.94 -2.99
C LEU A 518 -27.75 3.67 -2.40
N GLU A 519 -26.44 3.49 -2.55
CA GLU A 519 -25.70 2.43 -1.88
C GLU A 519 -24.71 3.10 -0.93
N VAL A 520 -24.76 2.72 0.34
CA VAL A 520 -23.82 3.28 1.33
C VAL A 520 -22.51 2.49 1.29
N ARG A 521 -21.40 3.21 1.31
CA ARG A 521 -20.08 2.56 1.29
C ARG A 521 -19.22 3.10 2.43
N ARG A 522 -18.35 2.26 2.97
CA ARG A 522 -17.42 2.70 4.00
C ARG A 522 -16.02 2.86 3.41
N GLY A 523 -15.34 3.92 3.81
CA GLY A 523 -13.95 4.09 3.43
C GLY A 523 -13.76 4.83 2.14
N LEU A 524 -13.34 6.08 2.27
CA LEU A 524 -13.14 6.93 1.11
C LEU A 524 -11.75 6.68 0.53
N ARG A 525 -11.64 5.65 -0.30
CA ARG A 525 -10.33 5.19 -0.79
C ARG A 525 -9.29 5.18 0.35
N ALA A 526 -9.63 4.50 1.46
CA ALA A 526 -8.89 4.69 2.71
C ALA A 526 -7.39 4.33 2.69
N GLN A 527 -7.01 3.13 2.20
CA GLN A 527 -5.60 2.72 2.22
C GLN A 527 -4.72 3.66 1.41
N THR A 528 -5.09 3.83 0.16
CA THR A 528 -4.38 4.71 -0.77
C THR A 528 -4.28 6.16 -0.28
N CYS A 529 -5.30 6.65 0.41
CA CYS A 529 -5.25 8.03 0.92
C CYS A 529 -4.42 8.15 2.20
N ALA A 530 -4.26 7.04 2.92
CA ALA A 530 -3.34 7.03 4.05
C ALA A 530 -1.94 7.25 3.52
N PHE A 531 -1.67 6.66 2.35
CA PHE A 531 -0.40 6.87 1.64
C PHE A 531 -0.14 8.35 1.32
N TRP A 532 -1.09 8.98 0.64
CA TRP A 532 -0.91 10.38 0.23
C TRP A 532 -0.98 11.34 1.41
N ASN A 533 -1.92 11.10 2.31
CA ASN A 533 -2.21 12.06 3.37
C ASN A 533 -1.35 11.92 4.63
N ARG A 534 -0.86 10.71 4.89
CA ARG A 534 -0.05 10.47 6.08
C ARG A 534 1.43 10.18 5.79
N PHE A 535 1.71 9.23 4.91
CA PHE A 535 3.08 8.84 4.64
C PHE A 535 3.82 9.85 3.76
N LEU A 536 3.28 10.12 2.58
CA LEU A 536 3.97 10.97 1.60
C LEU A 536 4.53 12.29 2.16
N PRO A 537 3.76 13.00 3.02
CA PRO A 537 4.36 14.21 3.62
C PRO A 537 5.58 13.90 4.47
N LYS A 538 5.53 12.86 5.32
CA LYS A 538 6.69 12.44 6.14
C LYS A 538 7.96 12.21 5.32
N LEU A 539 7.80 11.68 4.10
CA LEU A 539 8.93 11.41 3.21
C LEU A 539 9.59 12.72 2.80
N LEU A 540 8.84 13.55 2.08
CA LEU A 540 9.30 14.84 1.61
C LEU A 540 9.76 15.78 2.74
N SER A 541 9.36 15.44 3.98
CA SER A 541 9.85 16.11 5.18
C SER A 541 11.16 15.44 5.63
N ALA A 542 11.88 14.83 4.68
CA ALA A 542 13.17 14.18 4.90
C ALA A 542 13.88 13.85 3.58
N GLU B 4 21.03 -62.59 15.14
CA GLU B 4 21.52 -61.48 14.34
C GLU B 4 20.72 -61.33 13.04
N ASP B 5 19.91 -60.27 12.95
CA ASP B 5 19.16 -59.94 11.74
C ASP B 5 20.07 -59.31 10.69
N PRO B 6 20.34 -60.04 9.58
CA PRO B 6 21.25 -59.53 8.56
C PRO B 6 20.76 -58.25 7.89
N GLN B 7 19.46 -57.94 8.04
CA GLN B 7 18.93 -56.66 7.57
C GLN B 7 19.43 -55.50 8.41
N LEU B 8 19.76 -55.78 9.68
CA LEU B 8 20.15 -54.73 10.61
C LEU B 8 21.66 -54.52 10.62
N LEU B 9 22.36 -55.26 9.77
CA LEU B 9 23.81 -55.21 9.73
C LEU B 9 24.36 -54.56 8.47
N VAL B 10 25.04 -53.43 8.63
CA VAL B 10 25.59 -52.70 7.50
C VAL B 10 27.06 -52.38 7.67
N ARG B 11 27.84 -52.56 6.59
CA ARG B 11 29.21 -52.10 6.55
C ARG B 11 29.35 -50.79 5.75
N VAL B 12 29.87 -49.76 6.42
CA VAL B 12 30.17 -48.49 5.79
C VAL B 12 31.69 -48.29 5.79
N ARG B 13 32.18 -47.24 5.12
CA ARG B 13 33.62 -47.02 4.99
C ARG B 13 34.38 -46.92 6.31
N GLY B 14 33.66 -46.81 7.42
CA GLY B 14 34.28 -46.59 8.70
C GLY B 14 34.29 -47.85 9.54
N GLY B 15 33.45 -48.81 9.19
CA GLY B 15 33.33 -50.05 9.94
C GLY B 15 31.93 -50.60 9.91
N GLN B 16 31.60 -51.49 10.85
CA GLN B 16 30.27 -52.08 10.87
C GLN B 16 29.26 -51.46 11.83
N LEU B 17 27.99 -51.48 11.43
CA LEU B 17 26.91 -50.92 12.23
C LEU B 17 25.85 -51.96 12.48
N ARG B 18 25.24 -51.93 13.65
CA ARG B 18 23.99 -52.63 13.88
C ARG B 18 22.86 -51.62 14.06
N GLY B 19 21.83 -51.73 13.22
CA GLY B 19 20.65 -50.92 13.38
C GLY B 19 19.62 -51.61 14.23
N ILE B 20 18.42 -51.04 14.27
CA ILE B 20 17.35 -51.61 15.06
C ILE B 20 16.09 -51.65 14.21
N ARG B 21 15.27 -52.68 14.41
CA ARG B 21 14.04 -52.80 13.64
C ARG B 21 12.89 -52.15 14.40
N LEU B 22 12.29 -51.14 13.78
CA LEU B 22 11.26 -50.34 14.42
C LEU B 22 9.89 -50.63 13.83
N LYS B 23 8.85 -50.43 14.64
CA LYS B 23 7.48 -50.68 14.20
C LYS B 23 6.81 -49.37 13.76
N ALA B 24 6.30 -49.36 12.53
CA ALA B 24 5.41 -48.31 12.04
C ALA B 24 4.04 -48.94 11.80
N PRO B 25 2.95 -48.15 11.85
CA PRO B 25 1.60 -48.73 11.74
C PRO B 25 1.44 -49.66 10.54
N GLY B 26 2.19 -49.38 9.48
CA GLY B 26 2.11 -50.18 8.28
C GLY B 26 3.04 -51.38 8.26
N GLY B 27 3.99 -51.40 9.18
CA GLY B 27 4.96 -52.49 9.25
C GLY B 27 6.33 -52.07 9.76
N PRO B 28 7.32 -52.96 9.63
CA PRO B 28 8.67 -52.69 10.14
C PRO B 28 9.47 -51.70 9.28
N VAL B 29 10.41 -51.01 9.92
CA VAL B 29 11.42 -50.21 9.23
C VAL B 29 12.79 -50.48 9.85
N SER B 30 13.85 -50.27 9.08
CA SER B 30 15.18 -50.37 9.61
C SER B 30 15.64 -48.98 10.01
N ALA B 31 16.07 -48.83 11.26
CA ALA B 31 16.63 -47.56 11.71
C ALA B 31 18.08 -47.72 12.18
N PHE B 32 18.93 -46.82 11.72
CA PHE B 32 20.32 -46.78 12.15
C PHE B 32 20.57 -45.38 12.71
N LEU B 33 20.58 -45.28 14.04
CA LEU B 33 20.58 -44.00 14.73
C LEU B 33 21.88 -43.81 15.50
N GLY B 34 22.44 -42.61 15.46
CA GLY B 34 23.65 -42.33 16.20
C GLY B 34 24.95 -42.67 15.48
N ILE B 35 24.91 -42.66 14.15
CA ILE B 35 26.11 -42.95 13.37
C ILE B 35 27.01 -41.72 13.33
N PRO B 36 28.28 -41.87 13.75
CA PRO B 36 29.26 -40.78 13.76
C PRO B 36 29.75 -40.47 12.37
N PHE B 37 29.69 -39.21 11.94
CA PHE B 37 30.21 -38.83 10.63
C PHE B 37 31.43 -37.93 10.79
N ALA B 38 31.69 -37.56 12.03
CA ALA B 38 32.83 -36.70 12.33
C ALA B 38 33.46 -37.01 13.68
N GLU B 39 34.75 -36.70 13.79
CA GLU B 39 35.43 -36.69 15.07
C GLU B 39 34.77 -35.64 15.93
N PRO B 40 34.47 -36.00 17.19
CA PRO B 40 33.87 -35.11 18.19
C PRO B 40 34.61 -33.78 18.26
N PRO B 41 33.90 -32.68 17.96
CA PRO B 41 34.43 -31.32 17.84
C PRO B 41 34.63 -30.68 19.21
N VAL B 42 35.28 -31.43 20.10
CA VAL B 42 35.46 -31.03 21.48
C VAL B 42 36.88 -30.59 21.80
N GLY B 43 37.04 -30.00 22.98
CA GLY B 43 38.31 -29.46 23.40
C GLY B 43 38.81 -28.39 22.45
N SER B 44 39.85 -28.73 21.69
CA SER B 44 40.53 -27.76 20.85
C SER B 44 39.92 -27.73 19.47
N ARG B 45 38.98 -28.65 19.23
CA ARG B 45 38.24 -28.64 17.98
C ARG B 45 37.03 -27.71 18.03
N ARG B 46 36.78 -27.09 19.19
CA ARG B 46 35.69 -26.12 19.31
C ARG B 46 35.92 -24.99 18.32
N PHE B 47 34.85 -24.61 17.62
CA PHE B 47 34.86 -23.56 16.60
C PHE B 47 35.53 -23.97 15.27
N MET B 48 36.08 -25.19 15.22
CA MET B 48 36.86 -25.62 14.06
C MET B 48 36.02 -26.41 13.06
N PRO B 49 36.43 -26.41 11.78
CA PRO B 49 35.79 -27.28 10.79
C PRO B 49 35.86 -28.74 11.25
N PRO B 50 34.80 -29.52 10.96
CA PRO B 50 34.78 -30.92 11.40
C PRO B 50 35.78 -31.79 10.62
N GLU B 51 36.23 -32.88 11.24
CA GLU B 51 37.09 -33.85 10.53
C GLU B 51 36.35 -35.16 10.39
N PRO B 52 36.59 -35.89 9.29
CA PRO B 52 36.00 -37.22 9.07
C PRO B 52 36.18 -38.17 10.27
N LYS B 53 35.14 -38.93 10.60
CA LYS B 53 35.22 -39.89 11.71
C LYS B 53 36.24 -40.98 11.42
N ARG B 54 37.15 -41.22 12.37
CA ARG B 54 38.11 -42.30 12.23
C ARG B 54 37.39 -43.65 12.22
N PRO B 55 37.89 -44.61 11.42
CA PRO B 55 37.35 -45.98 11.38
C PRO B 55 37.31 -46.63 12.77
N TRP B 56 36.38 -47.57 12.96
CA TRP B 56 36.19 -48.23 14.25
C TRP B 56 36.23 -49.76 14.15
N SER B 57 36.47 -50.41 15.29
CA SER B 57 36.56 -51.87 15.32
C SER B 57 35.24 -52.50 15.76
N GLY B 58 35.06 -53.78 15.43
CA GLY B 58 33.85 -54.51 15.81
C GLY B 58 32.57 -53.95 15.21
N VAL B 59 31.45 -54.22 15.88
CA VAL B 59 30.17 -53.70 15.44
C VAL B 59 29.69 -52.54 16.32
N LEU B 60 29.61 -51.36 15.71
CA LEU B 60 29.10 -50.16 16.38
C LEU B 60 27.59 -50.22 16.54
N ASP B 61 27.13 -50.02 17.77
CA ASP B 61 25.70 -50.04 18.09
C ASP B 61 25.02 -48.75 17.63
N ALA B 62 24.14 -48.86 16.63
CA ALA B 62 23.43 -47.70 16.09
C ALA B 62 21.91 -47.88 16.23
N THR B 63 21.47 -48.15 17.46
CA THR B 63 20.08 -48.48 17.74
C THR B 63 19.41 -47.39 18.58
N THR B 64 20.16 -46.36 18.98
CA THR B 64 19.65 -45.26 19.79
C THR B 64 20.08 -43.90 19.26
N PHE B 65 19.28 -42.87 19.54
CA PHE B 65 19.68 -41.51 19.19
C PHE B 65 20.85 -41.07 20.04
N GLN B 66 21.81 -40.40 19.40
CA GLN B 66 22.97 -39.85 20.10
C GLN B 66 22.62 -38.51 20.71
N ASN B 67 23.59 -37.90 21.39
CA ASN B 67 23.37 -36.63 22.08
C ASN B 67 23.02 -35.46 21.18
N VAL B 68 22.38 -34.45 21.79
CA VAL B 68 21.97 -33.21 21.13
C VAL B 68 23.11 -32.21 21.24
N CYS B 69 23.39 -31.51 20.14
CA CYS B 69 24.41 -30.46 20.15
C CYS B 69 24.14 -29.44 21.24
N TYR B 70 25.20 -29.04 21.94
CA TYR B 70 25.02 -28.12 23.06
C TYR B 70 24.33 -26.84 22.57
N GLN B 71 23.29 -26.45 23.29
CA GLN B 71 22.42 -25.34 22.88
C GLN B 71 21.59 -24.78 24.03
N TYR B 72 21.03 -23.60 23.81
CA TYR B 72 20.05 -23.00 24.72
C TYR B 72 18.76 -23.80 24.77
N VAL B 73 18.19 -23.92 25.97
CA VAL B 73 16.94 -24.66 26.19
C VAL B 73 15.83 -23.70 26.65
N ASP B 74 14.71 -23.67 25.92
CA ASP B 74 13.64 -22.69 26.18
C ASP B 74 12.91 -22.87 27.51
N THR B 75 12.57 -21.74 28.14
CA THR B 75 12.03 -21.72 29.51
C THR B 75 10.77 -20.88 29.62
N LEU B 76 10.30 -20.36 28.50
CA LEU B 76 9.15 -19.45 28.51
C LEU B 76 7.89 -20.10 29.08
N TYR B 77 7.58 -21.30 28.60
CA TYR B 77 6.44 -22.04 29.11
C TYR B 77 6.85 -23.45 29.56
N PRO B 78 7.41 -23.55 30.78
CA PRO B 78 7.94 -24.82 31.30
C PRO B 78 6.90 -25.92 31.38
N GLY B 79 7.17 -27.06 30.73
CA GLY B 79 6.21 -28.15 30.72
C GLY B 79 5.16 -28.11 29.63
N PHE B 80 5.04 -26.97 28.93
CA PHE B 80 4.04 -26.80 27.88
C PHE B 80 4.45 -27.51 26.60
N GLU B 81 3.56 -28.34 26.07
CA GLU B 81 3.90 -29.20 24.94
C GLU B 81 4.31 -28.45 23.68
N GLY B 82 3.63 -27.33 23.40
CA GLY B 82 3.90 -26.56 22.20
C GLY B 82 5.33 -26.01 22.11
N THR B 83 5.98 -25.87 23.26
CA THR B 83 7.36 -25.41 23.30
C THR B 83 8.33 -26.57 23.56
N GLU B 84 7.94 -27.45 24.47
CA GLU B 84 8.76 -28.59 24.84
C GLU B 84 9.06 -29.51 23.65
N MET B 85 8.15 -29.53 22.68
CA MET B 85 8.29 -30.41 21.53
C MET B 85 9.50 -30.05 20.67
N TRP B 86 10.00 -28.83 20.84
CA TRP B 86 11.20 -28.37 20.14
C TRP B 86 12.45 -28.44 21.01
N ASN B 87 12.28 -28.72 22.30
CA ASN B 87 13.39 -28.82 23.23
C ASN B 87 14.14 -30.15 23.11
N PRO B 88 15.45 -30.16 23.47
CA PRO B 88 16.26 -31.38 23.37
C PRO B 88 15.65 -32.57 24.09
N ASN B 89 15.48 -33.68 23.38
CA ASN B 89 14.94 -34.92 23.97
C ASN B 89 16.04 -35.94 24.28
N ARG B 90 17.30 -35.51 24.19
CA ARG B 90 18.45 -36.31 24.65
C ARG B 90 19.38 -35.40 25.46
N GLU B 91 20.42 -36.00 26.01
CA GLU B 91 21.42 -35.26 26.78
C GLU B 91 22.19 -34.31 25.87
N LEU B 92 22.55 -33.15 26.43
CA LEU B 92 23.33 -32.14 25.70
C LEU B 92 24.82 -32.48 25.75
N SER B 93 25.51 -32.29 24.62
CA SER B 93 26.95 -32.49 24.57
C SER B 93 27.54 -31.77 23.37
N GLU B 94 28.81 -31.37 23.46
CA GLU B 94 29.52 -30.90 22.27
C GLU B 94 29.91 -32.07 21.37
N ASP B 95 29.91 -33.27 21.94
CA ASP B 95 30.12 -34.48 21.18
C ASP B 95 28.76 -34.86 20.62
N CYS B 96 28.41 -34.31 19.47
CA CYS B 96 27.06 -34.51 18.93
C CYS B 96 27.01 -34.72 17.43
N LEU B 97 28.15 -34.95 16.80
CA LEU B 97 28.20 -35.08 15.35
C LEU B 97 27.85 -36.48 14.84
N TYR B 98 26.54 -36.76 14.84
CA TYR B 98 26.01 -38.06 14.48
C TYR B 98 24.80 -37.89 13.57
N LEU B 99 24.56 -38.87 12.71
CA LEU B 99 23.43 -38.81 11.80
C LEU B 99 22.57 -40.07 11.92
N ASN B 100 21.34 -39.99 11.40
CA ASN B 100 20.38 -41.08 11.47
C ASN B 100 19.90 -41.48 10.08
N VAL B 101 19.67 -42.77 9.88
CA VAL B 101 19.16 -43.27 8.60
C VAL B 101 17.96 -44.19 8.83
N TRP B 102 16.83 -43.85 8.20
CA TRP B 102 15.70 -44.78 8.12
C TRP B 102 15.60 -45.32 6.70
N THR B 103 15.32 -46.62 6.59
CA THR B 103 15.04 -47.28 5.32
C THR B 103 13.91 -48.27 5.55
N PRO B 104 13.24 -48.71 4.48
CA PRO B 104 12.24 -49.78 4.70
C PRO B 104 12.86 -51.11 5.12
N TYR B 105 12.04 -51.96 5.72
CA TYR B 105 12.41 -53.31 6.11
C TYR B 105 11.53 -54.27 5.29
N PRO B 106 12.15 -55.13 4.47
CA PRO B 106 13.60 -55.27 4.31
C PRO B 106 14.14 -54.14 3.46
N ARG B 107 15.46 -53.91 3.50
CA ARG B 107 16.09 -52.80 2.79
C ARG B 107 15.87 -52.85 1.27
N PRO B 108 15.73 -51.69 0.63
CA PRO B 108 15.40 -51.56 -0.79
C PRO B 108 16.19 -52.49 -1.73
N ALA B 109 15.49 -53.20 -2.60
CA ALA B 109 16.14 -54.05 -3.60
C ALA B 109 16.79 -53.22 -4.71
N SER B 110 16.20 -52.06 -5.02
CA SER B 110 16.71 -51.15 -6.03
C SER B 110 17.19 -49.88 -5.36
N PRO B 111 18.13 -49.17 -5.98
CA PRO B 111 18.59 -47.88 -5.43
C PRO B 111 17.45 -46.88 -5.27
N THR B 112 17.23 -46.43 -4.03
CA THR B 112 16.04 -45.66 -3.66
C THR B 112 16.36 -44.19 -3.39
N PRO B 113 15.52 -43.26 -3.88
CA PRO B 113 15.73 -41.82 -3.66
C PRO B 113 15.92 -41.45 -2.19
N VAL B 114 16.84 -40.52 -1.92
CA VAL B 114 17.23 -40.17 -0.56
C VAL B 114 16.72 -38.78 -0.18
N LEU B 115 16.05 -38.69 0.96
CA LEU B 115 15.68 -37.39 1.52
C LEU B 115 16.61 -37.11 2.71
N ILE B 116 17.28 -35.97 2.67
CA ILE B 116 18.09 -35.55 3.80
C ILE B 116 17.42 -34.37 4.50
N TRP B 117 17.06 -34.56 5.76
CA TRP B 117 16.44 -33.51 6.57
C TRP B 117 17.47 -32.70 7.36
N ILE B 118 17.35 -31.37 7.25
CA ILE B 118 18.16 -30.43 8.02
C ILE B 118 17.23 -29.62 8.95
N TYR B 119 17.28 -29.91 10.25
CA TYR B 119 16.39 -29.24 11.22
C TYR B 119 16.60 -27.72 11.29
N GLY B 120 15.57 -26.99 11.72
CA GLY B 120 15.70 -25.58 12.01
C GLY B 120 15.86 -25.32 13.50
N GLY B 121 15.57 -24.10 13.93
CA GLY B 121 15.85 -23.70 15.30
C GLY B 121 16.76 -22.48 15.37
N GLY B 122 16.63 -21.57 14.42
CA GLY B 122 17.33 -20.29 14.42
C GLY B 122 18.85 -20.31 14.44
N PHE B 123 19.44 -21.46 14.09
CA PHE B 123 20.90 -21.65 14.17
C PHE B 123 21.41 -21.65 15.61
N TYR B 124 20.50 -21.64 16.58
CA TYR B 124 20.86 -21.63 18.00
C TYR B 124 20.39 -22.89 18.73
N SER B 125 19.66 -23.76 18.02
CA SER B 125 19.03 -24.90 18.65
C SER B 125 18.58 -25.92 17.62
N GLY B 126 18.02 -27.04 18.10
CA GLY B 126 17.55 -28.11 17.23
C GLY B 126 18.24 -29.45 17.44
N ALA B 127 17.58 -30.52 16.98
CA ALA B 127 18.13 -31.88 17.07
C ALA B 127 17.38 -32.83 16.14
N ALA B 128 18.09 -33.77 15.54
CA ALA B 128 17.48 -34.73 14.61
C ALA B 128 16.65 -35.79 15.32
N SER B 129 16.66 -35.78 16.64
CA SER B 129 16.01 -36.85 17.42
C SER B 129 14.55 -36.55 17.85
N LEU B 130 14.11 -35.32 17.60
CA LEU B 130 12.75 -34.91 17.92
C LEU B 130 11.72 -35.81 17.26
N ASP B 131 10.60 -36.02 17.94
CA ASP B 131 9.50 -36.85 17.42
C ASP B 131 8.93 -36.36 16.08
N VAL B 132 8.94 -35.05 15.84
CA VAL B 132 8.38 -34.52 14.59
C VAL B 132 9.30 -34.73 13.41
N TYR B 133 10.49 -35.26 13.66
CA TYR B 133 11.42 -35.59 12.59
C TYR B 133 11.57 -37.11 12.43
N ASP B 134 10.67 -37.86 13.05
CA ASP B 134 10.65 -39.31 12.91
C ASP B 134 10.55 -39.76 11.44
N GLY B 135 11.61 -40.41 10.97
CA GLY B 135 11.72 -40.84 9.58
C GLY B 135 10.94 -42.10 9.21
N ARG B 136 10.41 -42.81 10.19
CA ARG B 136 9.83 -44.13 9.93
C ARG B 136 8.61 -44.10 8.98
N PHE B 137 7.85 -43.02 9.00
CA PHE B 137 6.61 -43.00 8.23
C PHE B 137 6.91 -42.89 6.74
N LEU B 138 7.75 -41.92 6.39
CA LEU B 138 8.20 -41.76 5.01
C LEU B 138 8.91 -43.02 4.49
N ALA B 139 9.69 -43.67 5.35
CA ALA B 139 10.37 -44.90 4.96
C ALA B 139 9.39 -46.05 4.79
N GLN B 140 8.43 -46.18 5.70
CA GLN B 140 7.48 -47.29 5.63
C GLN B 140 6.42 -47.11 4.55
N VAL B 141 5.87 -45.90 4.41
CA VAL B 141 4.77 -45.69 3.49
C VAL B 141 5.24 -45.42 2.06
N GLU B 142 6.18 -44.50 1.92
CA GLU B 142 6.69 -44.12 0.61
C GLU B 142 7.95 -44.90 0.18
N GLY B 143 8.48 -45.72 1.08
CA GLY B 143 9.63 -46.54 0.78
C GLY B 143 10.90 -45.73 0.55
N ALA B 144 10.97 -44.57 1.19
CA ALA B 144 12.12 -43.67 1.05
C ALA B 144 13.29 -44.04 1.97
N VAL B 145 14.51 -43.69 1.57
CA VAL B 145 15.62 -43.67 2.51
C VAL B 145 15.75 -42.25 3.06
N LEU B 146 15.59 -42.11 4.37
CA LEU B 146 15.62 -40.78 4.99
C LEU B 146 16.80 -40.61 5.94
N VAL B 147 17.54 -39.53 5.74
CA VAL B 147 18.73 -39.22 6.53
C VAL B 147 18.56 -37.89 7.28
N SER B 148 18.89 -37.85 8.57
CA SER B 148 19.01 -36.60 9.32
C SER B 148 20.28 -36.59 10.15
N MET B 149 20.96 -35.43 10.17
CA MET B 149 22.20 -35.26 10.93
C MET B 149 22.03 -34.21 12.02
N ASN B 150 22.92 -34.24 13.01
CA ASN B 150 23.03 -33.13 13.94
C ASN B 150 24.12 -32.21 13.41
N TYR B 151 23.97 -30.91 13.61
CA TYR B 151 25.03 -29.97 13.28
C TYR B 151 25.18 -28.99 14.43
N ARG B 152 26.38 -28.45 14.64
CA ARG B 152 26.61 -27.55 15.77
C ARG B 152 25.79 -26.27 15.63
N VAL B 153 25.14 -25.86 16.72
CA VAL B 153 24.35 -24.64 16.73
C VAL B 153 24.97 -23.63 17.70
N GLY B 154 24.40 -22.41 17.73
CA GLY B 154 24.87 -21.37 18.63
C GLY B 154 26.34 -21.03 18.43
N THR B 155 26.99 -20.57 19.50
CA THR B 155 28.41 -20.26 19.50
C THR B 155 29.28 -21.40 18.92
N PHE B 156 28.93 -22.64 19.21
CA PHE B 156 29.73 -23.77 18.76
C PHE B 156 29.71 -23.97 17.26
N GLY B 157 28.58 -23.67 16.62
CA GLY B 157 28.47 -23.80 15.17
C GLY B 157 28.82 -22.54 14.38
N PHE B 158 28.56 -21.38 14.95
CA PHE B 158 28.64 -20.14 14.15
C PHE B 158 29.40 -18.96 14.75
N LEU B 159 29.97 -19.12 15.95
CA LEU B 159 30.89 -18.08 16.43
C LEU B 159 32.08 -17.97 15.49
N ALA B 160 32.37 -16.75 15.05
CA ALA B 160 33.39 -16.52 14.03
C ALA B 160 34.20 -15.27 14.31
N LEU B 161 35.52 -15.41 14.19
CA LEU B 161 36.40 -14.27 14.05
C LEU B 161 36.92 -14.37 12.63
N PRO B 162 36.17 -13.77 11.69
CA PRO B 162 36.42 -13.94 10.25
C PRO B 162 37.88 -13.67 9.91
N GLY B 163 38.50 -14.61 9.20
CA GLY B 163 39.90 -14.47 8.79
C GLY B 163 40.84 -15.15 9.76
N SER B 164 40.32 -15.59 10.89
CA SER B 164 41.12 -16.33 11.85
C SER B 164 41.16 -17.78 11.44
N ARG B 165 42.21 -18.47 11.87
CA ARG B 165 42.40 -19.87 11.56
C ARG B 165 41.58 -20.74 12.50
N GLU B 166 41.33 -20.26 13.72
CA GLU B 166 40.71 -21.11 14.75
C GLU B 166 39.22 -20.83 15.08
N ALA B 167 38.63 -19.88 14.36
CA ALA B 167 37.18 -19.67 14.36
C ALA B 167 36.79 -18.99 13.05
N PRO B 168 36.86 -19.74 11.94
CA PRO B 168 36.67 -19.13 10.62
C PRO B 168 35.20 -18.94 10.29
N GLY B 169 34.33 -19.52 11.11
CA GLY B 169 32.89 -19.39 10.93
C GLY B 169 32.27 -20.46 10.05
N ASN B 170 30.94 -20.59 10.16
CA ASN B 170 30.15 -21.50 9.32
C ASN B 170 30.44 -23.00 9.51
N VAL B 171 31.08 -23.37 10.61
CA VAL B 171 31.41 -24.77 10.83
C VAL B 171 30.18 -25.65 10.98
N GLY B 172 29.09 -25.10 11.49
CA GLY B 172 27.85 -25.83 11.55
C GLY B 172 27.37 -26.19 10.16
N LEU B 173 27.60 -25.31 9.19
CA LEU B 173 27.26 -25.60 7.79
C LEU B 173 28.20 -26.69 7.20
N LEU B 174 29.49 -26.62 7.54
CA LEU B 174 30.44 -27.68 7.19
C LEU B 174 30.08 -29.03 7.84
N ASP B 175 29.45 -28.99 9.01
CA ASP B 175 28.95 -30.21 9.64
C ASP B 175 27.94 -30.86 8.72
N GLN B 176 26.94 -30.09 8.30
CA GLN B 176 25.97 -30.56 7.33
C GLN B 176 26.64 -31.09 6.06
N ARG B 177 27.56 -30.30 5.49
CA ARG B 177 28.24 -30.67 4.26
C ARG B 177 29.00 -32.00 4.39
N LEU B 178 29.61 -32.24 5.55
CA LEU B 178 30.30 -33.51 5.79
C LEU B 178 29.30 -34.67 5.83
N ALA B 179 28.15 -34.47 6.48
CA ALA B 179 27.09 -35.48 6.46
C ALA B 179 26.65 -35.81 5.03
N LEU B 180 26.57 -34.79 4.19
CA LEU B 180 26.24 -34.97 2.77
C LEU B 180 27.26 -35.85 2.03
N GLN B 181 28.56 -35.63 2.29
CA GLN B 181 29.61 -36.49 1.72
CA GLN B 181 29.59 -36.49 1.71
C GLN B 181 29.46 -37.91 2.23
N TRP B 182 29.14 -38.03 3.51
CA TRP B 182 28.98 -39.34 4.13
C TRP B 182 27.88 -40.12 3.42
N VAL B 183 26.77 -39.43 3.16
CA VAL B 183 25.67 -39.98 2.37
C VAL B 183 26.13 -40.37 0.96
N GLN B 184 26.94 -39.54 0.33
CA GLN B 184 27.47 -39.87 -1.00
C GLN B 184 28.27 -41.16 -0.96
N GLU B 185 29.08 -41.29 0.09
CA GLU B 185 30.04 -42.38 0.18
C GLU B 185 29.42 -43.67 0.68
N ASN B 186 28.34 -43.55 1.44
CA ASN B 186 27.86 -44.69 2.21
C ASN B 186 26.43 -45.14 1.95
N ILE B 187 25.57 -44.22 1.51
CA ILE B 187 24.13 -44.47 1.43
C ILE B 187 23.76 -45.71 0.60
N ALA B 188 24.51 -45.97 -0.48
CA ALA B 188 24.32 -47.18 -1.29
C ALA B 188 24.28 -48.47 -0.48
N ALA B 189 25.00 -48.49 0.64
CA ALA B 189 25.04 -49.70 1.47
C ALA B 189 23.69 -49.92 2.15
N PHE B 190 22.93 -48.83 2.32
CA PHE B 190 21.62 -48.92 2.96
C PHE B 190 20.50 -49.10 1.94
N GLY B 191 20.83 -48.97 0.67
CA GLY B 191 19.85 -49.11 -0.40
C GLY B 191 19.57 -47.79 -1.09
N GLY B 192 20.17 -46.72 -0.57
CA GLY B 192 19.98 -45.39 -1.12
C GLY B 192 20.68 -45.17 -2.46
N ASP B 193 20.10 -44.28 -3.26
CA ASP B 193 20.63 -43.90 -4.56
C ASP B 193 21.37 -42.58 -4.39
N PRO B 194 22.71 -42.61 -4.38
CA PRO B 194 23.46 -41.38 -4.13
C PRO B 194 23.31 -40.38 -5.28
N MET B 195 22.92 -40.87 -6.45
CA MET B 195 22.66 -39.99 -7.59
C MET B 195 21.24 -39.39 -7.57
N SER B 196 20.51 -39.58 -6.49
CA SER B 196 19.22 -38.91 -6.29
C SER B 196 19.04 -38.48 -4.82
N VAL B 197 19.59 -37.32 -4.48
CA VAL B 197 19.58 -36.82 -3.12
C VAL B 197 18.83 -35.50 -3.05
N THR B 198 17.76 -35.48 -2.28
CA THR B 198 16.97 -34.27 -2.09
C THR B 198 17.16 -33.74 -0.69
N LEU B 199 17.63 -32.50 -0.59
CA LEU B 199 17.67 -31.82 0.72
C LEU B 199 16.29 -31.22 1.05
N PHE B 200 15.83 -31.42 2.28
CA PHE B 200 14.69 -30.63 2.77
C PHE B 200 14.87 -30.17 4.22
N GLY B 201 14.42 -28.95 4.50
CA GLY B 201 14.55 -28.37 5.83
C GLY B 201 13.58 -27.23 6.09
N GLU B 202 13.41 -26.91 7.38
CA GLU B 202 12.44 -25.90 7.80
C GLU B 202 13.13 -24.79 8.60
N SER B 203 12.69 -23.54 8.39
CA SER B 203 13.30 -22.38 9.08
C SER B 203 14.81 -22.28 8.84
N ALA B 204 15.62 -22.31 9.90
CA ALA B 204 17.07 -22.29 9.73
C ALA B 204 17.56 -23.44 8.84
N GLY B 205 16.86 -24.57 8.92
CA GLY B 205 17.11 -25.69 8.03
C GLY B 205 16.88 -25.35 6.57
N ALA B 206 15.80 -24.63 6.29
CA ALA B 206 15.52 -24.15 4.93
C ALA B 206 16.63 -23.21 4.46
N ALA B 207 17.01 -22.28 5.33
CA ALA B 207 18.12 -21.38 5.02
C ALA B 207 19.44 -22.12 4.74
N SER B 208 19.69 -23.20 5.49
CA SER B 208 20.88 -24.04 5.27
C SER B 208 20.83 -24.67 3.90
N VAL B 209 19.71 -25.35 3.60
CA VAL B 209 19.47 -25.87 2.26
C VAL B 209 19.74 -24.79 1.21
N GLY B 210 19.22 -23.59 1.45
CA GLY B 210 19.51 -22.46 0.58
C GLY B 210 20.99 -22.14 0.43
N MET B 211 21.74 -22.26 1.52
CA MET B 211 23.16 -21.96 1.43
C MET B 211 23.96 -23.07 0.76
N HIS B 212 23.48 -24.30 0.83
CA HIS B 212 24.09 -25.37 0.04
C HIS B 212 23.89 -25.14 -1.47
N ILE B 213 22.72 -24.62 -1.85
CA ILE B 213 22.46 -24.20 -3.23
C ILE B 213 23.47 -23.13 -3.69
N LEU B 214 23.81 -22.22 -2.77
CA LEU B 214 24.64 -21.07 -3.08
C LEU B 214 26.14 -21.31 -2.90
N SER B 215 26.50 -22.43 -2.28
CA SER B 215 27.91 -22.74 -2.05
C SER B 215 28.36 -23.87 -2.97
N LEU B 216 29.19 -23.54 -3.96
CA LEU B 216 29.58 -24.46 -5.03
C LEU B 216 29.99 -25.87 -4.57
N PRO B 217 30.83 -25.99 -3.52
CA PRO B 217 31.23 -27.36 -3.16
C PRO B 217 30.10 -28.26 -2.65
N SER B 218 28.97 -27.69 -2.22
CA SER B 218 27.82 -28.50 -1.80
C SER B 218 27.04 -29.05 -2.98
N ARG B 219 27.07 -28.33 -4.11
CA ARG B 219 26.29 -28.66 -5.30
C ARG B 219 26.49 -30.09 -5.84
N SER B 220 27.65 -30.69 -5.58
CA SER B 220 27.92 -32.03 -6.09
C SER B 220 27.43 -33.10 -5.10
N LEU B 221 26.72 -32.67 -4.07
CA LEU B 221 26.29 -33.59 -3.01
C LEU B 221 24.76 -33.74 -2.95
N PHE B 222 24.04 -32.98 -3.79
CA PHE B 222 22.59 -33.12 -3.93
C PHE B 222 22.06 -32.72 -5.32
N HIS B 223 20.80 -33.07 -5.58
CA HIS B 223 20.22 -32.83 -6.90
C HIS B 223 18.96 -31.97 -6.85
N ARG B 224 18.26 -31.99 -5.72
CA ARG B 224 17.04 -31.20 -5.51
C ARG B 224 16.98 -30.65 -4.10
N ALA B 225 16.12 -29.64 -3.89
CA ALA B 225 16.05 -28.92 -2.63
C ALA B 225 14.64 -28.50 -2.26
N VAL B 226 14.32 -28.61 -0.97
CA VAL B 226 13.06 -28.13 -0.45
C VAL B 226 13.34 -27.17 0.69
N LEU B 227 12.77 -25.96 0.60
CA LEU B 227 12.97 -24.94 1.61
C LEU B 227 11.63 -24.60 2.21
N GLN B 228 11.36 -25.17 3.38
CA GLN B 228 10.11 -24.89 4.10
C GLN B 228 10.30 -23.73 5.07
N SER B 229 9.62 -22.61 4.81
CA SER B 229 9.56 -21.47 5.75
C SER B 229 10.92 -20.90 6.13
N GLY B 230 11.78 -20.66 5.16
CA GLY B 230 13.11 -20.15 5.44
C GLY B 230 13.94 -20.01 4.18
N THR B 231 14.88 -19.08 4.20
CA THR B 231 15.63 -18.72 3.01
C THR B 231 17.03 -18.31 3.41
N PRO B 232 18.02 -18.47 2.52
CA PRO B 232 19.37 -17.98 2.84
C PRO B 232 19.41 -16.46 2.74
N ASN B 233 18.67 -15.90 1.79
CA ASN B 233 18.47 -14.46 1.79
C ASN B 233 17.59 -14.06 2.98
N GLY B 234 17.41 -12.76 3.19
CA GLY B 234 16.56 -12.30 4.27
C GLY B 234 17.30 -11.63 5.40
N PRO B 235 16.54 -11.11 6.38
CA PRO B 235 17.12 -10.29 7.45
C PRO B 235 17.78 -11.06 8.61
N TRP B 236 17.48 -12.35 8.79
CA TRP B 236 17.95 -13.06 9.99
C TRP B 236 18.98 -14.18 9.79
N ALA B 237 19.17 -14.64 8.55
CA ALA B 237 19.90 -15.90 8.31
C ALA B 237 21.42 -15.78 8.15
N THR B 238 21.90 -14.58 7.87
CA THR B 238 23.33 -14.33 7.77
C THR B 238 23.72 -13.05 8.49
N VAL B 239 25.01 -12.91 8.78
CA VAL B 239 25.55 -11.62 9.21
C VAL B 239 26.80 -11.29 8.39
N SER B 240 27.19 -10.03 8.39
CA SER B 240 28.43 -9.60 7.77
C SER B 240 29.59 -10.08 8.62
N ALA B 241 30.79 -10.01 8.05
CA ALA B 241 31.98 -10.40 8.79
C ALA B 241 32.19 -9.44 9.96
N GLY B 242 31.89 -8.17 9.73
CA GLY B 242 32.07 -7.15 10.74
C GLY B 242 31.18 -7.40 11.94
N GLU B 243 29.95 -7.83 11.67
CA GLU B 243 28.97 -8.00 12.74
C GLU B 243 29.23 -9.29 13.53
N ALA B 244 29.69 -10.34 12.86
CA ALA B 244 30.07 -11.58 13.54
C ALA B 244 31.27 -11.36 14.46
N ARG B 245 32.24 -10.61 13.96
CA ARG B 245 33.43 -10.29 14.72
C ARG B 245 33.05 -9.48 15.96
N ARG B 246 32.06 -8.59 15.80
CA ARG B 246 31.60 -7.75 16.91
C ARG B 246 30.96 -8.59 18.01
N ARG B 247 30.05 -9.47 17.61
CA ARG B 247 29.33 -10.31 18.56
C ARG B 247 30.26 -11.31 19.28
N ALA B 248 31.23 -11.85 18.56
CA ALA B 248 32.18 -12.81 19.15
C ALA B 248 33.10 -12.13 20.16
N THR B 249 33.62 -10.98 19.78
CA THR B 249 34.42 -10.13 20.64
C THR B 249 33.64 -9.67 21.87
N LEU B 250 32.32 -9.50 21.72
CA LEU B 250 31.48 -9.05 22.82
C LEU B 250 31.25 -10.18 23.81
N LEU B 251 30.93 -11.35 23.27
CA LEU B 251 30.68 -12.53 24.09
C LEU B 251 31.92 -12.88 24.89
N ALA B 252 33.10 -12.69 24.29
CA ALA B 252 34.35 -12.95 24.95
C ALA B 252 34.50 -12.04 26.15
N ARG B 253 34.24 -10.74 25.95
CA ARG B 253 34.30 -9.78 27.05
C ARG B 253 33.35 -10.23 28.16
N LEU B 254 32.16 -10.68 27.76
CA LEU B 254 31.13 -11.10 28.73
C LEU B 254 31.52 -12.32 29.58
N VAL B 255 32.34 -13.21 29.04
CA VAL B 255 32.78 -14.39 29.81
C VAL B 255 34.16 -14.24 30.44
N GLY B 256 34.79 -13.07 30.26
CA GLY B 256 36.07 -12.77 30.87
C GLY B 256 37.28 -12.97 29.97
N CYS B 257 37.04 -13.22 28.69
CA CYS B 257 38.11 -13.44 27.72
C CYS B 257 38.39 -12.18 26.91
N PRO B 258 39.64 -11.71 26.93
CA PRO B 258 40.74 -12.26 27.73
C PRO B 258 40.90 -11.51 29.05
N ASN B 265 45.81 -10.49 18.96
CA ASN B 265 45.66 -11.84 18.44
C ASN B 265 44.25 -12.39 18.62
N ASP B 266 43.65 -12.87 17.53
CA ASP B 266 42.42 -13.67 17.62
C ASP B 266 42.68 -14.96 18.39
N THR B 267 43.87 -15.53 18.19
CA THR B 267 44.27 -16.82 18.74
C THR B 267 44.06 -16.93 20.25
N GLU B 268 44.44 -15.88 20.95
CA GLU B 268 44.41 -15.87 22.40
C GLU B 268 43.00 -15.68 22.92
N LEU B 269 42.18 -14.93 22.19
CA LEU B 269 40.79 -14.73 22.55
C LEU B 269 40.01 -16.04 22.42
N ILE B 270 40.22 -16.73 21.29
CA ILE B 270 39.61 -18.03 21.04
C ILE B 270 40.15 -19.12 21.98
N ALA B 271 41.41 -18.97 22.40
CA ALA B 271 41.97 -19.93 23.34
C ALA B 271 41.23 -19.88 24.67
N CYS B 272 41.04 -18.68 25.21
CA CYS B 272 40.35 -18.52 26.49
C CYS B 272 38.91 -19.00 26.38
N LEU B 273 38.28 -18.74 25.23
CA LEU B 273 36.93 -19.22 24.97
C LEU B 273 36.89 -20.75 25.03
N ARG B 274 37.94 -21.38 24.52
CA ARG B 274 38.03 -22.84 24.51
C ARG B 274 38.12 -23.44 25.91
N THR B 275 38.63 -22.65 26.86
CA THR B 275 38.72 -23.08 28.26
C THR B 275 37.37 -22.99 28.97
N ARG B 276 36.44 -22.25 28.38
CA ARG B 276 35.14 -22.02 29.02
C ARG B 276 34.18 -23.21 28.88
N PRO B 277 33.59 -23.63 30.02
CA PRO B 277 32.49 -24.61 30.03
C PRO B 277 31.38 -24.16 29.08
N ALA B 278 30.74 -25.13 28.45
CA ALA B 278 29.72 -24.88 27.43
C ALA B 278 28.59 -23.93 27.87
N GLN B 279 28.04 -24.14 29.06
CA GLN B 279 26.89 -23.38 29.51
C GLN B 279 27.25 -21.93 29.83
N ASP B 280 28.55 -21.69 30.09
CA ASP B 280 29.06 -20.34 30.30
C ASP B 280 28.94 -19.49 29.03
N LEU B 281 28.98 -20.13 27.87
CA LEU B 281 28.84 -19.42 26.59
C LEU B 281 27.37 -19.17 26.27
N VAL B 282 26.55 -20.21 26.43
CA VAL B 282 25.11 -20.14 26.23
C VAL B 282 24.41 -19.12 27.17
N ASP B 283 24.93 -19.00 28.39
CA ASP B 283 24.44 -18.01 29.38
C ASP B 283 24.43 -16.56 28.85
N HIS B 284 25.30 -16.27 27.89
CA HIS B 284 25.46 -14.90 27.39
C HIS B 284 25.14 -14.77 25.91
N GLU B 285 24.68 -15.88 25.32
CA GLU B 285 24.38 -15.96 23.90
C GLU B 285 23.44 -14.85 23.44
N TRP B 286 22.36 -14.61 24.18
CA TRP B 286 21.35 -13.65 23.75
C TRP B 286 21.77 -12.21 24.00
N HIS B 287 22.83 -12.04 24.77
CA HIS B 287 23.23 -10.70 25.22
C HIS B 287 24.07 -9.92 24.18
N VAL B 288 24.34 -10.53 23.03
CA VAL B 288 25.15 -9.86 22.00
C VAL B 288 24.37 -9.32 20.80
N LEU B 289 23.04 -9.42 20.82
CA LEU B 289 22.22 -8.82 19.77
C LEU B 289 22.24 -7.29 19.91
N PRO B 290 22.45 -6.59 18.78
CA PRO B 290 22.63 -5.12 18.79
C PRO B 290 21.35 -4.37 19.17
N GLN B 291 20.18 -4.94 18.86
CA GLN B 291 18.91 -4.35 19.27
C GLN B 291 18.03 -5.35 20.01
N GLU B 292 17.12 -4.83 20.83
CA GLU B 292 16.01 -5.63 21.33
C GLU B 292 15.16 -6.02 20.12
N SER B 293 14.97 -7.31 19.93
CA SER B 293 14.38 -7.81 18.70
C SER B 293 13.75 -9.19 18.89
N ILE B 294 12.92 -9.58 17.94
CA ILE B 294 12.43 -10.95 17.83
C ILE B 294 12.76 -11.43 16.43
N PHE B 295 12.76 -12.74 16.22
CA PHE B 295 13.20 -13.34 14.97
C PHE B 295 14.61 -12.88 14.61
N ARG B 296 15.45 -12.72 15.63
CA ARG B 296 16.86 -12.38 15.46
C ARG B 296 17.73 -13.35 16.28
N PHE B 297 18.76 -13.91 15.65
CA PHE B 297 19.63 -14.88 16.35
C PHE B 297 21.09 -14.43 16.41
N SER B 298 21.75 -14.74 17.53
CA SER B 298 23.09 -14.21 17.79
C SER B 298 24.20 -14.79 16.92
N PHE B 299 24.16 -16.09 16.69
CA PHE B 299 25.23 -16.73 15.94
C PHE B 299 24.70 -17.60 14.81
N VAL B 300 24.82 -17.05 13.61
CA VAL B 300 24.24 -17.59 12.40
C VAL B 300 25.35 -17.60 11.34
N PRO B 301 25.07 -18.15 10.13
CA PRO B 301 26.08 -18.14 9.07
C PRO B 301 26.65 -16.76 8.76
N VAL B 302 27.92 -16.70 8.40
CA VAL B 302 28.59 -15.40 8.18
C VAL B 302 29.07 -15.29 6.73
N VAL B 303 28.86 -14.13 6.11
CA VAL B 303 29.39 -13.90 4.77
C VAL B 303 30.92 -13.82 4.89
N ASP B 304 31.59 -14.94 4.55
CA ASP B 304 33.02 -15.09 4.81
C ASP B 304 33.89 -14.91 3.57
N GLY B 305 33.26 -14.86 2.40
CA GLY B 305 33.99 -14.86 1.15
C GLY B 305 34.55 -16.24 0.86
N ASP B 306 34.04 -17.25 1.56
CA ASP B 306 34.47 -18.63 1.33
C ASP B 306 33.27 -19.56 1.10
N PHE B 307 32.63 -20.01 2.18
CA PHE B 307 31.41 -20.80 2.05
C PHE B 307 30.37 -19.94 1.33
N LEU B 308 30.26 -18.68 1.76
CA LEU B 308 29.46 -17.67 1.06
C LEU B 308 30.36 -16.64 0.36
N SER B 309 30.57 -16.82 -0.94
CA SER B 309 31.45 -15.93 -1.71
C SER B 309 31.01 -14.47 -1.70
N ASP B 310 29.69 -14.25 -1.58
CA ASP B 310 29.12 -12.91 -1.43
C ASP B 310 27.87 -13.05 -0.56
N THR B 311 27.09 -11.97 -0.41
CA THR B 311 25.82 -12.06 0.30
C THR B 311 24.87 -12.96 -0.48
N PRO B 312 23.94 -13.63 0.23
CA PRO B 312 22.91 -14.44 -0.43
C PRO B 312 22.13 -13.65 -1.47
N GLU B 313 21.85 -12.39 -1.18
CA GLU B 313 21.17 -11.52 -2.13
C GLU B 313 21.96 -11.39 -3.42
N ALA B 314 23.25 -11.08 -3.31
CA ALA B 314 24.09 -10.97 -4.50
C ALA B 314 24.13 -12.28 -5.28
N LEU B 315 24.18 -13.38 -4.55
CA LEU B 315 24.30 -14.71 -5.16
C LEU B 315 23.03 -15.18 -5.86
N ILE B 316 21.87 -14.90 -5.27
CA ILE B 316 20.61 -15.25 -5.93
C ILE B 316 20.35 -14.31 -7.12
N ASN B 317 20.79 -13.07 -7.03
CA ASN B 317 20.60 -12.10 -8.11
C ASN B 317 21.40 -12.44 -9.36
N THR B 318 22.52 -13.16 -9.18
CA THR B 318 23.46 -13.40 -10.25
C THR B 318 23.73 -14.87 -10.58
N GLY B 319 23.24 -15.78 -9.74
CA GLY B 319 23.51 -17.19 -9.94
C GLY B 319 22.84 -17.80 -11.16
N ASP B 320 23.35 -18.95 -11.62
CA ASP B 320 22.70 -19.72 -12.67
C ASP B 320 22.11 -21.02 -12.12
N PHE B 321 20.78 -21.14 -12.22
CA PHE B 321 20.08 -22.22 -11.53
C PHE B 321 19.35 -23.21 -12.44
N GLN B 322 19.79 -23.32 -13.69
CA GLN B 322 19.25 -24.36 -14.56
C GLN B 322 19.61 -25.73 -14.00
N ASP B 323 18.82 -26.73 -14.34
CA ASP B 323 18.98 -28.11 -13.86
C ASP B 323 18.82 -28.21 -12.35
N LEU B 324 18.25 -27.17 -11.76
CA LEU B 324 17.90 -27.18 -10.34
C LEU B 324 16.38 -27.16 -10.21
N GLN B 325 15.86 -28.06 -9.39
CA GLN B 325 14.44 -28.06 -9.09
C GLN B 325 14.26 -27.80 -7.61
N VAL B 326 13.38 -26.87 -7.27
CA VAL B 326 13.23 -26.48 -5.89
C VAL B 326 11.78 -26.26 -5.48
N LEU B 327 11.44 -26.72 -4.28
CA LEU B 327 10.09 -26.63 -3.73
C LEU B 327 10.15 -25.73 -2.50
N VAL B 328 9.38 -24.63 -2.53
CA VAL B 328 9.43 -23.65 -1.45
C VAL B 328 8.05 -23.27 -0.98
N GLY B 329 7.93 -22.87 0.27
CA GLY B 329 6.65 -22.41 0.75
C GLY B 329 6.64 -21.90 2.16
N VAL B 330 5.45 -21.53 2.62
CA VAL B 330 5.30 -20.89 3.91
C VAL B 330 4.03 -21.42 4.57
N VAL B 331 3.92 -21.24 5.88
CA VAL B 331 2.67 -21.52 6.57
C VAL B 331 1.84 -20.23 6.66
N LYS B 332 0.58 -20.37 7.05
CA LYS B 332 -0.37 -19.26 7.03
C LYS B 332 -0.01 -18.12 7.96
N ASP B 333 0.57 -18.47 9.11
CA ASP B 333 0.81 -17.48 10.17
C ASP B 333 2.25 -17.48 10.67
N GLU B 334 3.17 -17.20 9.77
CA GLU B 334 4.60 -17.29 10.04
C GLU B 334 5.04 -16.55 11.31
N GLY B 335 4.48 -15.36 11.54
CA GLY B 335 4.95 -14.51 12.62
C GLY B 335 4.41 -14.72 14.03
N SER B 336 3.23 -15.30 14.15
CA SER B 336 2.55 -15.39 15.45
C SER B 336 3.41 -15.96 16.58
N TYR B 337 4.20 -16.98 16.29
CA TYR B 337 5.01 -17.67 17.29
C TYR B 337 5.96 -16.73 18.02
N PHE B 338 6.55 -15.81 17.27
CA PHE B 338 7.66 -14.99 17.76
C PHE B 338 7.23 -13.84 18.69
N LEU B 339 5.95 -13.52 18.66
CA LEU B 339 5.44 -12.35 19.37
C LEU B 339 5.40 -12.57 20.87
N VAL B 340 5.11 -13.80 21.29
CA VAL B 340 5.05 -14.13 22.71
C VAL B 340 6.43 -14.11 23.35
N TYR B 341 7.46 -13.99 22.51
CA TYR B 341 8.86 -14.04 22.94
C TYR B 341 9.56 -12.68 22.99
N GLY B 342 8.80 -11.61 23.27
CA GLY B 342 9.42 -10.30 23.40
C GLY B 342 8.55 -9.07 23.14
N VAL B 343 7.43 -9.25 22.47
CA VAL B 343 6.53 -8.13 22.14
C VAL B 343 5.49 -7.94 23.23
N PRO B 344 5.54 -6.78 23.92
CA PRO B 344 4.57 -6.53 25.01
C PRO B 344 3.13 -6.59 24.50
N GLY B 345 2.25 -7.21 25.28
CA GLY B 345 0.86 -7.41 24.87
C GLY B 345 0.54 -8.83 24.44
N PHE B 346 1.56 -9.61 24.08
CA PHE B 346 1.34 -10.94 23.55
C PHE B 346 1.66 -12.07 24.53
N SER B 347 0.81 -13.09 24.50
CA SER B 347 0.89 -14.23 25.39
C SER B 347 0.09 -15.33 24.72
N LYS B 348 0.42 -16.58 25.01
CA LYS B 348 -0.38 -17.69 24.50
C LYS B 348 -1.58 -17.95 25.41
N ASP B 349 -1.60 -17.26 26.55
CA ASP B 349 -2.62 -17.51 27.55
C ASP B 349 -3.82 -16.54 27.49
N ASN B 350 -3.84 -15.68 26.48
CA ASN B 350 -5.00 -14.82 26.21
C ASN B 350 -5.03 -14.40 24.73
N GLU B 351 -6.09 -13.69 24.32
CA GLU B 351 -6.29 -13.38 22.91
C GLU B 351 -5.34 -12.31 22.35
N SER B 352 -4.52 -11.75 23.23
CA SER B 352 -3.45 -10.82 22.84
C SER B 352 -3.93 -9.62 22.02
N LEU B 353 -5.10 -9.12 22.37
CA LEU B 353 -5.65 -7.94 21.72
C LEU B 353 -4.85 -6.73 22.20
N ILE B 354 -4.28 -5.97 21.26
CA ILE B 354 -3.38 -4.87 21.61
C ILE B 354 -3.87 -3.47 21.23
N SER B 355 -3.22 -2.45 21.78
CA SER B 355 -3.53 -1.06 21.46
C SER B 355 -2.78 -0.67 20.19
N ARG B 356 -3.02 0.56 19.71
CA ARG B 356 -2.29 1.08 18.57
C ARG B 356 -0.84 1.39 18.98
N ALA B 357 -0.69 1.92 20.18
CA ALA B 357 0.62 2.27 20.74
C ALA B 357 1.53 1.05 20.83
N GLN B 358 0.96 -0.08 21.26
CA GLN B 358 1.69 -1.34 21.39
C GLN B 358 2.08 -1.92 20.05
N PHE B 359 1.24 -1.68 19.04
CA PHE B 359 1.52 -2.14 17.69
C PHE B 359 2.70 -1.34 17.12
N LEU B 360 2.71 -0.04 17.40
CA LEU B 360 3.82 0.83 17.04
C LEU B 360 5.12 0.36 17.68
N ALA B 361 5.05 -0.03 18.94
CA ALA B 361 6.23 -0.42 19.70
C ALA B 361 6.76 -1.78 19.26
N GLY B 362 5.83 -2.68 18.92
CA GLY B 362 6.18 -4.02 18.47
C GLY B 362 6.87 -4.02 17.12
N VAL B 363 6.56 -3.02 16.29
CA VAL B 363 7.18 -2.88 14.97
C VAL B 363 8.67 -2.52 15.08
N ARG B 364 9.04 -1.73 16.09
CA ARG B 364 10.44 -1.39 16.29
C ARG B 364 11.20 -2.65 16.73
N ILE B 365 10.49 -3.56 17.40
CA ILE B 365 11.06 -4.82 17.87
C ILE B 365 11.05 -5.87 16.76
N GLY B 366 9.98 -5.86 15.96
CA GLY B 366 9.81 -6.82 14.87
C GLY B 366 10.67 -6.47 13.67
N VAL B 367 11.01 -5.19 13.55
CA VAL B 367 11.85 -4.71 12.46
C VAL B 367 12.95 -3.87 13.08
N PRO B 368 13.83 -4.52 13.87
CA PRO B 368 14.77 -3.82 14.74
C PRO B 368 15.76 -2.93 14.01
N GLN B 369 15.94 -3.17 12.72
CA GLN B 369 16.89 -2.41 11.90
C GLN B 369 16.24 -1.21 11.21
N ALA B 370 14.93 -1.03 11.40
CA ALA B 370 14.19 0.06 10.74
C ALA B 370 14.44 1.44 11.33
N SER B 371 14.70 2.41 10.46
CA SER B 371 14.71 3.83 10.85
C SER B 371 13.33 4.23 11.37
N ASP B 372 13.25 5.37 12.04
CA ASP B 372 11.95 5.90 12.47
C ASP B 372 11.01 5.95 11.28
N LEU B 373 11.53 6.45 10.15
CA LEU B 373 10.74 6.65 8.94
C LEU B 373 10.26 5.34 8.32
N ALA B 374 11.13 4.34 8.32
CA ALA B 374 10.81 3.05 7.72
C ALA B 374 9.77 2.33 8.57
N ALA B 375 9.89 2.48 9.88
CA ALA B 375 8.95 1.89 10.81
C ALA B 375 7.61 2.58 10.67
N GLU B 376 7.65 3.89 10.46
CA GLU B 376 6.47 4.67 10.15
C GLU B 376 5.81 4.08 8.90
N ALA B 377 6.60 3.86 7.85
CA ALA B 377 6.09 3.28 6.62
C ALA B 377 5.44 1.92 6.85
N VAL B 378 6.02 1.11 7.75
CA VAL B 378 5.47 -0.19 8.06
C VAL B 378 4.10 -0.05 8.70
N VAL B 379 4.03 0.68 9.82
CA VAL B 379 2.76 0.95 10.50
C VAL B 379 1.66 1.44 9.55
N LEU B 380 2.02 2.36 8.66
CA LEU B 380 1.05 2.95 7.74
C LEU B 380 0.58 1.93 6.70
N HIS B 381 1.47 1.04 6.29
CA HIS B 381 1.10 -0.01 5.32
C HIS B 381 0.16 -1.06 5.91
N TYR B 382 0.46 -1.47 7.13
CA TYR B 382 -0.25 -2.61 7.75
C TYR B 382 -1.52 -2.26 8.50
N THR B 383 -1.68 -0.98 8.82
CA THR B 383 -2.91 -0.50 9.41
C THR B 383 -4.10 -0.64 8.46
N ASP B 384 -5.23 -1.14 8.98
CA ASP B 384 -6.49 -1.14 8.25
C ASP B 384 -7.17 0.18 8.52
N TRP B 385 -7.06 1.12 7.58
CA TRP B 385 -7.57 2.47 7.83
C TRP B 385 -9.10 2.56 7.91
N LEU B 386 -9.77 1.44 7.64
CA LEU B 386 -11.21 1.33 7.90
C LEU B 386 -11.43 1.09 9.40
N HIS B 387 -10.48 0.39 10.01
CA HIS B 387 -10.52 0.01 11.42
C HIS B 387 -9.16 0.20 12.09
N PRO B 388 -8.66 1.44 12.12
CA PRO B 388 -7.27 1.69 12.53
C PRO B 388 -6.95 1.36 13.99
N GLU B 389 -7.97 1.26 14.84
CA GLU B 389 -7.75 1.04 16.26
C GLU B 389 -8.26 -0.29 16.81
N ASP B 390 -8.93 -1.07 15.95
CA ASP B 390 -9.44 -2.38 16.35
C ASP B 390 -8.31 -3.31 16.79
N PRO B 391 -8.33 -3.71 18.07
CA PRO B 391 -7.28 -4.58 18.63
C PRO B 391 -7.08 -5.89 17.87
N THR B 392 -8.15 -6.53 17.40
CA THR B 392 -8.04 -7.80 16.67
C THR B 392 -7.25 -7.66 15.37
N HIS B 393 -7.39 -6.52 14.69
CA HIS B 393 -6.66 -6.23 13.47
CA HIS B 393 -6.63 -6.31 13.47
C HIS B 393 -5.19 -5.94 13.79
N LEU B 394 -5.00 -5.06 14.77
CA LEU B 394 -3.66 -4.69 15.20
C LEU B 394 -2.85 -5.94 15.60
N ARG B 395 -3.48 -6.84 16.36
CA ARG B 395 -2.89 -8.12 16.73
C ARG B 395 -2.47 -8.91 15.49
N ASP B 396 -3.41 -9.09 14.55
CA ASP B 396 -3.16 -9.91 13.38
C ASP B 396 -2.12 -9.29 12.46
N ALA B 397 -2.03 -7.98 12.50
CA ALA B 397 -1.10 -7.25 11.62
C ALA B 397 0.32 -7.33 12.16
N MET B 398 0.47 -7.14 13.47
CA MET B 398 1.77 -7.35 14.13
C MET B 398 2.37 -8.70 13.71
N SER B 399 1.56 -9.76 13.79
CA SER B 399 1.94 -11.09 13.33
C SER B 399 2.35 -11.11 11.86
N ALA B 400 1.56 -10.41 11.04
CA ALA B 400 1.82 -10.32 9.60
C ALA B 400 3.13 -9.59 9.30
N VAL B 401 3.36 -8.45 9.94
CA VAL B 401 4.62 -7.72 9.79
C VAL B 401 5.81 -8.64 10.04
N VAL B 402 5.77 -9.39 11.14
CA VAL B 402 6.85 -10.29 11.49
C VAL B 402 7.01 -11.43 10.46
N GLY B 403 5.90 -12.10 10.14
CA GLY B 403 5.91 -13.19 9.18
C GLY B 403 6.36 -12.78 7.78
N ASP B 404 5.84 -11.66 7.29
CA ASP B 404 6.17 -11.20 5.95
C ASP B 404 7.60 -10.70 5.84
N HIS B 405 8.03 -9.93 6.83
CA HIS B 405 9.38 -9.39 6.86
C HIS B 405 10.44 -10.50 6.86
N ASN B 406 10.22 -11.55 7.67
CA ASN B 406 11.25 -12.57 7.90
C ASN B 406 11.17 -13.83 7.05
N VAL B 407 9.95 -14.22 6.66
CA VAL B 407 9.77 -15.44 5.86
C VAL B 407 9.10 -15.21 4.49
N VAL B 408 7.84 -14.77 4.49
CA VAL B 408 7.03 -14.74 3.26
C VAL B 408 7.64 -13.93 2.12
N CYS B 409 8.16 -12.77 2.43
CA CYS B 409 8.71 -11.95 1.36
C CYS B 409 10.12 -12.42 0.92
N PRO B 410 10.97 -12.84 1.88
CA PRO B 410 12.20 -13.52 1.45
C PRO B 410 11.93 -14.75 0.57
N VAL B 411 10.93 -15.55 0.92
CA VAL B 411 10.52 -16.68 0.09
C VAL B 411 10.09 -16.26 -1.32
N ALA B 412 9.26 -15.22 -1.41
CA ALA B 412 8.80 -14.71 -2.70
C ALA B 412 9.96 -14.15 -3.52
N GLN B 413 10.87 -13.45 -2.85
CA GLN B 413 12.11 -12.97 -3.49
C GLN B 413 13.00 -14.10 -4.05
N LEU B 414 13.16 -15.17 -3.28
CA LEU B 414 13.95 -16.32 -3.71
C LEU B 414 13.25 -17.06 -4.86
N ALA B 415 11.97 -17.38 -4.66
CA ALA B 415 11.16 -18.03 -5.69
C ALA B 415 11.33 -17.31 -7.01
N GLY B 416 11.20 -15.99 -6.96
CA GLY B 416 11.30 -15.16 -8.14
C GLY B 416 12.64 -15.23 -8.83
N ARG B 417 13.73 -15.06 -8.09
CA ARG B 417 15.05 -15.08 -8.71
C ARG B 417 15.38 -16.46 -9.30
N LEU B 418 14.99 -17.52 -8.59
CA LEU B 418 15.25 -18.89 -9.06
C LEU B 418 14.54 -19.19 -10.39
N ALA B 419 13.23 -18.96 -10.42
CA ALA B 419 12.45 -19.21 -11.63
C ALA B 419 13.00 -18.42 -12.83
N ALA B 420 13.35 -17.17 -12.58
CA ALA B 420 13.88 -16.29 -13.63
C ALA B 420 15.28 -16.69 -14.12
N GLN B 421 16.03 -17.38 -13.28
CA GLN B 421 17.39 -17.73 -13.65
C GLN B 421 17.55 -19.23 -13.92
N GLY B 422 16.50 -19.84 -14.47
CA GLY B 422 16.61 -21.19 -14.99
C GLY B 422 16.06 -22.32 -14.13
N ALA B 423 15.88 -22.04 -12.83
CA ALA B 423 15.41 -23.06 -11.90
C ALA B 423 13.96 -23.47 -12.13
N ARG B 424 13.64 -24.67 -11.67
CA ARG B 424 12.29 -25.18 -11.71
C ARG B 424 11.74 -25.06 -10.29
N VAL B 425 10.72 -24.23 -10.12
CA VAL B 425 10.21 -23.87 -8.79
C VAL B 425 8.73 -24.25 -8.57
N TYR B 426 8.43 -24.83 -7.41
CA TYR B 426 7.05 -25.06 -7.02
C TYR B 426 6.83 -24.43 -5.68
N ALA B 427 5.77 -23.64 -5.56
CA ALA B 427 5.50 -22.89 -4.35
C ALA B 427 4.18 -23.32 -3.71
N TYR B 428 4.15 -23.29 -2.37
CA TYR B 428 2.92 -23.62 -1.63
C TYR B 428 2.71 -22.62 -0.51
N ILE B 429 1.48 -22.58 -0.02
CA ILE B 429 1.20 -22.04 1.30
C ILE B 429 0.42 -23.08 2.09
N PHE B 430 0.88 -23.36 3.30
CA PHE B 430 0.26 -24.38 4.16
C PHE B 430 -0.75 -23.72 5.11
N GLU B 431 -2.02 -24.08 4.97
CA GLU B 431 -3.11 -23.37 5.65
C GLU B 431 -3.94 -24.21 6.61
N HIS B 432 -3.58 -25.48 6.77
CA HIS B 432 -4.29 -26.31 7.74
C HIS B 432 -3.72 -26.18 9.15
N ARG B 433 -4.59 -25.95 10.13
CA ARG B 433 -4.19 -25.91 11.53
C ARG B 433 -4.54 -27.24 12.21
N ALA B 434 -3.56 -27.86 12.85
CA ALA B 434 -3.73 -29.17 13.47
C ALA B 434 -4.80 -29.18 14.55
N SER B 435 -5.65 -30.19 14.53
CA SER B 435 -6.68 -30.39 15.54
C SER B 435 -6.05 -30.55 16.93
N THR B 436 -4.81 -31.04 16.95
CA THR B 436 -4.10 -31.30 18.21
C THR B 436 -3.28 -30.12 18.72
N LEU B 437 -3.25 -29.03 17.96
CA LEU B 437 -2.41 -27.87 18.28
C LEU B 437 -2.70 -27.29 19.67
N THR B 438 -1.64 -27.07 20.45
CA THR B 438 -1.75 -26.66 21.84
C THR B 438 -1.65 -25.14 22.03
N TRP B 439 -1.20 -24.45 20.99
CA TRP B 439 -1.17 -22.99 20.98
C TRP B 439 -2.57 -22.39 20.80
N PRO B 440 -2.78 -21.13 21.25
CA PRO B 440 -4.11 -20.50 21.14
C PRO B 440 -4.56 -20.27 19.70
N LEU B 441 -5.88 -20.14 19.52
CA LEU B 441 -6.47 -19.97 18.20
C LEU B 441 -5.95 -18.77 17.42
N TRP B 442 -5.61 -17.70 18.13
CA TRP B 442 -5.23 -16.46 17.46
C TRP B 442 -3.92 -16.55 16.71
N MET B 443 -3.11 -17.56 17.06
CA MET B 443 -1.81 -17.75 16.41
C MET B 443 -1.96 -18.50 15.09
N GLY B 444 -3.18 -18.95 14.80
CA GLY B 444 -3.48 -19.63 13.55
C GLY B 444 -2.62 -20.87 13.26
N VAL B 445 -1.94 -20.86 12.12
CA VAL B 445 -0.99 -21.91 11.76
C VAL B 445 0.42 -21.36 11.95
N PRO B 446 1.01 -21.61 13.14
CA PRO B 446 2.29 -20.97 13.46
C PRO B 446 3.47 -21.57 12.71
N HIS B 447 4.57 -20.81 12.66
CA HIS B 447 5.86 -21.28 12.16
C HIS B 447 6.16 -22.68 12.71
N GLY B 448 6.34 -23.66 11.83
CA GLY B 448 6.76 -24.99 12.25
C GLY B 448 5.71 -26.07 12.25
N TYR B 449 4.46 -25.72 11.97
CA TYR B 449 3.40 -26.71 12.16
C TYR B 449 2.91 -27.45 10.92
N GLU B 450 3.64 -27.31 9.82
CA GLU B 450 3.49 -28.19 8.68
C GLU B 450 4.28 -29.51 8.85
N ILE B 451 5.38 -29.43 9.60
CA ILE B 451 6.35 -30.52 9.70
C ILE B 451 5.74 -31.87 10.10
N GLU B 452 4.96 -31.89 11.17
CA GLU B 452 4.34 -33.13 11.63
C GLU B 452 3.50 -33.82 10.54
N PHE B 453 2.99 -33.04 9.59
CA PHE B 453 2.25 -33.58 8.45
C PHE B 453 3.14 -34.16 7.36
N ILE B 454 4.13 -33.37 6.91
CA ILE B 454 5.15 -33.85 5.98
C ILE B 454 5.79 -35.17 6.46
N PHE B 455 6.09 -35.27 7.76
CA PHE B 455 6.74 -36.48 8.28
C PHE B 455 5.77 -37.63 8.57
N GLY B 456 4.47 -37.35 8.48
CA GLY B 456 3.47 -38.41 8.56
C GLY B 456 2.99 -38.79 9.94
N LEU B 457 3.22 -37.93 10.93
CA LEU B 457 2.80 -38.19 12.31
C LEU B 457 1.30 -38.57 12.52
N PRO B 458 0.37 -37.95 11.75
CA PRO B 458 -1.04 -38.36 11.86
C PRO B 458 -1.32 -39.85 11.63
N LEU B 459 -0.41 -40.56 10.97
CA LEU B 459 -0.56 -42.00 10.74
C LEU B 459 -0.39 -42.82 12.02
N ASP B 460 0.09 -42.17 13.06
CA ASP B 460 0.16 -42.77 14.39
C ASP B 460 -1.16 -42.51 15.11
N PRO B 461 -1.94 -43.59 15.31
CA PRO B 461 -3.28 -43.52 15.90
C PRO B 461 -3.27 -42.98 17.34
N SER B 462 -2.18 -43.25 18.07
CA SER B 462 -2.05 -42.81 19.45
C SER B 462 -1.89 -41.30 19.56
N LEU B 463 -1.63 -40.64 18.43
CA LEU B 463 -1.46 -39.20 18.40
C LEU B 463 -2.79 -38.44 18.28
N ASN B 464 -3.88 -39.19 18.13
CA ASN B 464 -5.23 -38.62 18.19
C ASN B 464 -5.59 -37.58 17.10
N TYR B 465 -4.88 -37.60 15.97
CA TYR B 465 -5.25 -36.78 14.81
C TYR B 465 -6.56 -37.29 14.20
N THR B 466 -7.20 -36.48 13.35
CA THR B 466 -8.46 -36.88 12.69
C THR B 466 -8.24 -37.67 11.40
N THR B 467 -9.24 -38.45 11.01
CA THR B 467 -9.19 -39.24 9.78
C THR B 467 -8.80 -38.42 8.55
N GLU B 468 -9.33 -37.20 8.46
CA GLU B 468 -9.02 -36.33 7.34
C GLU B 468 -7.58 -35.81 7.42
N GLU B 469 -7.10 -35.58 8.64
CA GLU B 469 -5.73 -35.10 8.86
C GLU B 469 -4.73 -36.17 8.43
N ARG B 470 -5.16 -37.43 8.54
CA ARG B 470 -4.34 -38.56 8.11
CA ARG B 470 -4.34 -38.56 8.11
C ARG B 470 -4.28 -38.64 6.59
N ILE B 471 -5.45 -38.66 5.95
CA ILE B 471 -5.56 -38.58 4.49
C ILE B 471 -4.74 -37.40 3.92
N PHE B 472 -4.80 -36.26 4.60
CA PHE B 472 -4.04 -35.06 4.25
C PHE B 472 -2.52 -35.28 4.36
N ALA B 473 -2.09 -35.89 5.47
CA ALA B 473 -0.67 -36.15 5.68
C ALA B 473 -0.12 -37.09 4.61
N GLN B 474 -0.92 -38.08 4.22
CA GLN B 474 -0.52 -39.01 3.17
C GLN B 474 -0.32 -38.28 1.84
N ARG B 475 -1.14 -37.27 1.57
CA ARG B 475 -1.04 -36.50 0.34
C ARG B 475 0.25 -35.69 0.31
N LEU B 476 0.60 -35.11 1.45
CA LEU B 476 1.83 -34.33 1.56
C LEU B 476 3.09 -35.20 1.42
N MET B 477 3.07 -36.38 2.04
CA MET B 477 4.21 -37.29 1.92
C MET B 477 4.38 -37.69 0.46
N LYS B 478 3.27 -37.76 -0.26
CA LYS B 478 3.27 -38.03 -1.70
C LYS B 478 3.97 -36.92 -2.49
N TYR B 479 3.57 -35.68 -2.24
CA TYR B 479 4.10 -34.53 -2.97
C TYR B 479 5.60 -34.46 -2.75
N TRP B 480 6.01 -34.57 -1.50
CA TRP B 480 7.42 -34.46 -1.12
C TRP B 480 8.26 -35.59 -1.75
N THR B 481 7.82 -36.83 -1.60
CA THR B 481 8.57 -37.95 -2.18
C THR B 481 8.51 -37.99 -3.70
N ASN B 482 7.36 -37.65 -4.27
CA ASN B 482 7.28 -37.53 -5.73
C ASN B 482 8.21 -36.43 -6.23
N PHE B 483 8.33 -35.38 -5.44
CA PHE B 483 9.28 -34.33 -5.77
C PHE B 483 10.73 -34.87 -5.68
N ALA B 484 11.03 -35.62 -4.62
CA ALA B 484 12.34 -36.26 -4.48
C ALA B 484 12.69 -37.15 -5.68
N ARG B 485 11.72 -37.96 -6.10
CA ARG B 485 11.91 -38.91 -7.19
C ARG B 485 12.16 -38.22 -8.52
N THR B 486 11.50 -37.07 -8.72
CA THR B 486 11.41 -36.48 -10.06
C THR B 486 11.73 -34.99 -10.18
N GLY B 487 11.58 -34.22 -9.11
CA GLY B 487 11.66 -32.77 -9.24
C GLY B 487 10.32 -32.16 -9.60
N ASP B 488 9.27 -32.98 -9.43
CA ASP B 488 7.89 -32.62 -9.73
C ASP B 488 6.99 -33.33 -8.72
N PRO B 489 6.30 -32.55 -7.86
CA PRO B 489 5.46 -33.07 -6.77
C PRO B 489 4.14 -33.68 -7.25
N ASN B 490 3.85 -33.61 -8.54
CA ASN B 490 2.63 -34.22 -9.07
C ASN B 490 2.75 -35.74 -9.24
N ASP B 491 1.78 -36.44 -8.65
CA ASP B 491 1.60 -37.88 -8.86
C ASP B 491 1.44 -38.13 -10.36
N PRO B 492 2.28 -39.00 -10.94
CA PRO B 492 2.22 -39.31 -12.38
C PRO B 492 1.10 -40.29 -12.72
N ARG B 493 0.28 -40.62 -11.72
CA ARG B 493 -0.83 -41.56 -11.87
C ARG B 493 -2.18 -40.85 -11.75
N ASP B 494 -2.26 -39.89 -10.81
CA ASP B 494 -3.44 -39.04 -10.71
C ASP B 494 -3.54 -38.23 -11.99
N SER B 495 -4.56 -38.56 -12.78
CA SER B 495 -4.84 -37.87 -14.04
C SER B 495 -5.93 -36.81 -13.84
N LYS B 496 -5.85 -36.10 -12.71
CA LYS B 496 -6.88 -35.14 -12.34
C LYS B 496 -6.42 -33.69 -12.26
N SER B 497 -7.16 -32.83 -12.97
CA SER B 497 -7.11 -31.39 -12.77
C SER B 497 -7.86 -31.07 -11.47
N PRO B 498 -7.27 -30.23 -10.61
CA PRO B 498 -6.05 -29.44 -10.86
C PRO B 498 -4.71 -30.12 -10.50
N GLN B 499 -3.69 -29.72 -11.24
CA GLN B 499 -2.32 -30.10 -10.99
C GLN B 499 -1.59 -28.94 -10.30
N TRP B 500 -0.43 -29.24 -9.73
CA TRP B 500 0.41 -28.23 -9.09
C TRP B 500 1.34 -27.65 -10.14
N PRO B 501 1.10 -26.39 -10.56
CA PRO B 501 1.90 -25.80 -11.64
C PRO B 501 3.20 -25.21 -11.10
N PRO B 502 4.21 -25.04 -11.97
CA PRO B 502 5.46 -24.40 -11.52
C PRO B 502 5.28 -22.90 -11.25
N TYR B 503 5.96 -22.38 -10.23
CA TYR B 503 6.00 -20.95 -10.00
C TYR B 503 6.83 -20.29 -11.08
N THR B 504 6.28 -19.28 -11.72
CA THR B 504 6.98 -18.51 -12.72
C THR B 504 6.94 -17.02 -12.39
N THR B 505 7.78 -16.25 -13.06
CA THR B 505 7.80 -14.82 -12.83
C THR B 505 6.59 -14.14 -13.47
N ALA B 506 6.08 -14.71 -14.55
CA ALA B 506 4.89 -14.15 -15.21
C ALA B 506 3.60 -14.46 -14.48
N ALA B 507 3.31 -15.75 -14.30
CA ALA B 507 2.06 -16.14 -13.66
C ALA B 507 2.13 -16.20 -12.11
N GLN B 508 3.32 -16.39 -11.55
CA GLN B 508 3.47 -16.40 -10.10
C GLN B 508 2.49 -17.34 -9.39
N GLN B 509 2.21 -18.49 -10.01
CA GLN B 509 1.29 -19.47 -9.42
C GLN B 509 1.90 -20.27 -8.28
N TYR B 510 1.06 -20.54 -7.28
CA TYR B 510 1.41 -21.36 -6.13
C TYR B 510 0.11 -22.04 -5.68
N VAL B 511 0.22 -23.08 -4.87
CA VAL B 511 -0.98 -23.79 -4.43
C VAL B 511 -1.18 -23.70 -2.92
N SER B 512 -2.41 -23.85 -2.47
CA SER B 512 -2.67 -23.96 -1.03
C SER B 512 -2.74 -25.43 -0.59
N LEU B 513 -2.06 -25.75 0.50
CA LEU B 513 -2.18 -27.08 1.08
C LEU B 513 -3.09 -27.05 2.30
N ASN B 514 -4.22 -27.72 2.19
CA ASN B 514 -5.16 -27.85 3.32
C ASN B 514 -6.03 -29.06 3.06
N LEU B 515 -7.15 -29.19 3.79
CA LEU B 515 -7.96 -30.39 3.70
C LEU B 515 -8.70 -30.52 2.36
N LYS B 516 -8.95 -29.38 1.72
CA LYS B 516 -9.64 -29.32 0.44
C LYS B 516 -8.63 -29.61 -0.67
N PRO B 517 -9.10 -29.98 -1.87
CA PRO B 517 -8.18 -30.26 -2.98
C PRO B 517 -7.27 -29.05 -3.30
N LEU B 518 -6.12 -29.30 -3.92
CA LEU B 518 -5.22 -28.24 -4.35
C LEU B 518 -5.98 -27.12 -5.04
N GLU B 519 -5.63 -25.88 -4.70
CA GLU B 519 -6.19 -24.72 -5.38
C GLU B 519 -5.02 -23.87 -5.86
N VAL B 520 -5.07 -23.44 -7.11
CA VAL B 520 -4.01 -22.62 -7.69
C VAL B 520 -4.28 -21.13 -7.49
N ARG B 521 -3.38 -20.45 -6.78
CA ARG B 521 -3.49 -19.01 -6.57
C ARG B 521 -2.39 -18.30 -7.32
N ARG B 522 -2.52 -16.99 -7.48
CA ARG B 522 -1.53 -16.23 -8.23
C ARG B 522 -0.98 -15.13 -7.35
N GLY B 523 0.34 -14.99 -7.32
CA GLY B 523 0.97 -13.88 -6.63
C GLY B 523 1.04 -14.07 -5.14
N LEU B 524 2.26 -14.21 -4.63
CA LEU B 524 2.47 -14.53 -3.23
C LEU B 524 2.72 -13.25 -2.44
N ARG B 525 1.65 -12.71 -1.82
CA ARG B 525 1.72 -11.41 -1.13
C ARG B 525 2.32 -10.36 -2.06
N ALA B 526 1.86 -10.32 -3.31
CA ALA B 526 2.56 -9.58 -4.35
C ALA B 526 2.79 -8.10 -4.00
N GLN B 527 1.71 -7.40 -3.68
CA GLN B 527 1.79 -5.96 -3.38
C GLN B 527 2.59 -5.71 -2.11
N THR B 528 2.27 -6.45 -1.06
CA THR B 528 2.93 -6.26 0.22
C THR B 528 4.43 -6.63 0.15
N CYS B 529 4.79 -7.60 -0.67
CA CYS B 529 6.21 -7.94 -0.79
C CYS B 529 6.99 -6.98 -1.66
N ALA B 530 6.30 -6.38 -2.63
CA ALA B 530 6.91 -5.32 -3.41
C ALA B 530 7.35 -4.20 -2.46
N PHE B 531 6.55 -3.96 -1.43
CA PHE B 531 6.87 -2.99 -0.41
C PHE B 531 8.15 -3.35 0.35
N TRP B 532 8.25 -4.60 0.78
CA TRP B 532 9.42 -5.05 1.51
C TRP B 532 10.61 -5.22 0.59
N ASN B 533 10.38 -5.87 -0.55
CA ASN B 533 11.49 -6.30 -1.42
C ASN B 533 12.05 -5.19 -2.30
N ARG B 534 11.20 -4.23 -2.64
CA ARG B 534 11.58 -3.20 -3.61
C ARG B 534 11.69 -1.81 -3.01
N PHE B 535 10.76 -1.46 -2.14
CA PHE B 535 10.71 -0.08 -1.66
C PHE B 535 11.54 0.20 -0.40
N LEU B 536 11.31 -0.58 0.65
CA LEU B 536 12.07 -0.37 1.87
C LEU B 536 13.61 -0.28 1.70
N PRO B 537 14.20 -1.14 0.85
CA PRO B 537 15.66 -1.02 0.72
C PRO B 537 16.09 0.34 0.15
N LYS B 538 15.27 0.92 -0.72
CA LYS B 538 15.53 2.26 -1.24
C LYS B 538 15.44 3.29 -0.12
N LEU B 539 14.64 2.97 0.89
CA LEU B 539 14.35 3.91 1.95
C LEU B 539 15.46 3.99 2.98
N LEU B 540 15.60 2.91 3.75
CA LEU B 540 16.62 2.79 4.79
C LEU B 540 18.01 3.31 4.37
N SER B 541 18.32 3.22 3.08
CA SER B 541 19.49 3.87 2.52
C SER B 541 19.43 5.38 2.81
N ALA B 542 18.62 6.09 2.02
CA ALA B 542 18.43 7.52 2.19
C ALA B 542 17.46 7.83 3.33
S A36 C . -9.30 21.66 -16.34
N1 A36 C . -10.22 22.31 -17.60
O1 A36 C . -8.71 22.75 -15.65
C2 A36 C . -5.79 21.85 -17.56
N2 A36 C . -13.05 21.55 -16.05
O2 A36 C . -10.18 20.80 -15.64
C3 A36 C . -7.10 21.49 -17.98
C4 A36 C . -8.02 20.68 -17.08
C6 A36 C . -14.68 23.22 -15.11
C7 A36 C . -7.53 21.92 -19.26
C8 A36 C . -6.71 22.67 -20.09
C9 A36 C . -5.43 23.00 -19.64
C10 A36 C . -4.95 22.60 -18.38
C11 A36 C . -11.45 23.04 -17.25
C12 A36 C . -12.80 22.30 -17.37
C13 A36 C . -14.13 20.53 -16.19
C15 A36 C . -13.35 22.47 -14.89
C14 A36 C . -13.73 19.51 -17.21
F01 A36 C . -4.62 23.74 -20.47
C1 EDO D . -28.20 52.38 -18.69
O1 EDO D . -27.82 51.77 -17.48
C2 EDO D . -29.74 52.42 -18.63
O2 EDO D . -30.13 53.00 -19.84
S SO4 E . -34.61 24.65 -22.27
O1 SO4 E . -33.19 25.03 -22.38
O2 SO4 E . -34.76 23.21 -22.39
O3 SO4 E . -35.13 25.04 -20.96
O4 SO4 E . -35.40 25.29 -23.32
C1 NAG F . -2.56 7.78 -29.11
C2 NAG F . -1.28 6.94 -29.16
C3 NAG F . -0.10 7.72 -28.59
C4 NAG F . 0.02 9.13 -29.17
C5 NAG F . -1.31 9.88 -29.19
C6 NAG F . -1.22 11.16 -30.02
C7 NAG F . -1.92 4.54 -29.04
C8 NAG F . -2.38 3.45 -28.11
N2 NAG F . -1.45 5.66 -28.46
O3 NAG F . 1.12 7.05 -28.85
O4 NAG F . 0.95 9.89 -28.42
O5 NAG F . -2.36 9.06 -29.69
O6 NAG F . -1.28 10.90 -31.41
O7 NAG F . -2.00 4.39 -30.26
C1 PEG G . -3.49 -3.20 -8.27
O1 PEG G . -4.27 -4.38 -8.05
C2 PEG G . -3.01 -2.84 -6.87
O2 PEG G . -2.80 -1.44 -6.98
C3 PEG G . -2.80 -0.81 -5.71
C4 PEG G . -4.04 0.11 -5.73
O4 PEG G . -3.79 1.02 -6.80
C1 PEG H . 1.84 32.79 8.57
O1 PEG H . 1.08 32.20 9.63
C2 PEG H . 1.06 32.41 7.33
O2 PEG H . 1.71 33.12 6.30
C3 PEG H . 1.48 34.52 6.40
C4 PEG H . 2.07 35.06 5.11
O4 PEG H . 2.59 36.32 5.51
C1 NAG I . -30.26 14.32 -30.79
C2 NAG I . -29.43 15.49 -31.32
C3 NAG I . -30.12 16.16 -32.52
C4 NAG I . -30.51 15.10 -33.54
C5 NAG I . -31.42 14.06 -32.88
C6 NAG I . -30.92 12.65 -33.13
C7 NAG I . -27.92 16.85 -29.95
C8 NAG I . -27.80 17.95 -28.93
N2 NAG I . -29.14 16.48 -30.28
O3 NAG I . -29.29 17.13 -33.13
O4 NAG I . -31.12 15.67 -34.67
O5 NAG I . -31.51 14.30 -31.47
O6 NAG I . -30.39 12.53 -34.43
O7 NAG I . -26.91 16.34 -30.44
C1 PEG J . -1.13 22.26 -19.16
O1 PEG J . 0.30 22.21 -19.29
C2 PEG J . -1.63 22.52 -20.61
O2 PEG J . -1.22 23.86 -20.87
C3 PEG J . -1.40 24.20 -22.25
C4 PEG J . -0.54 25.45 -22.41
O4 PEG J . -0.15 25.42 -23.78
C1 PGE K . -12.30 1.48 -22.07
O1 PGE K . -12.05 1.14 -23.41
C2 PGE K . -13.48 0.58 -21.59
O2 PGE K . -13.32 0.51 -20.15
C3 PGE K . -13.38 1.78 -19.49
C4 PGE K . -12.97 1.50 -18.01
O4 PGE K . -11.29 2.35 -14.36
C6 PGE K . -11.31 3.01 -15.60
C5 PGE K . -12.77 2.87 -16.10
O3 PGE K . -12.65 2.79 -17.50
C1 EDO L . -46.37 39.87 -20.80
O1 EDO L . -47.00 39.43 -19.63
C2 EDO L . -46.43 41.42 -20.72
O2 EDO L . -45.93 41.89 -21.94
S A36 M . 11.96 -20.13 16.77
N1 A36 M . 12.44 -21.52 17.59
O1 A36 M . 13.14 -19.48 16.36
C2 A36 M . 11.77 -19.28 20.34
N2 A36 M . 10.97 -23.51 15.80
O2 A36 M . 11.02 -20.58 15.82
C3 A36 M . 11.93 -18.63 19.10
C4 A36 M . 11.10 -19.05 17.91
C6 A36 M . 12.33 -25.37 14.83
C7 A36 M . 12.90 -17.60 19.02
C8 A36 M . 13.68 -17.23 20.12
C9 A36 M . 13.47 -17.92 21.32
C10 A36 M . 12.52 -18.93 21.45
C11 A36 M . 11.38 -22.46 18.00
C12 A36 M . 11.34 -23.79 17.22
C13 A36 M . 9.67 -24.15 15.40
C15 A36 M . 12.04 -23.86 14.81
C14 A36 M . 8.49 -23.43 16.05
F01 A36 M . 14.21 -17.58 22.44
C1 EDO N . 13.42 -7.98 -7.02
O1 EDO N . 12.60 -8.70 -6.13
C2 EDO N . 14.28 -7.06 -6.11
O2 EDO N . 15.32 -6.59 -6.93
S SO4 O . 4.30 -45.31 15.73
O1 SO4 O . 5.46 -45.74 14.95
O2 SO4 O . 3.79 -46.43 16.53
O3 SO4 O . 4.69 -44.20 16.60
O4 SO4 O . 3.27 -44.87 14.80
C1 PEG P . 4.76 -34.77 20.91
O1 PEG P . 4.94 -34.39 19.55
C2 PEG P . 6.02 -34.19 21.58
O2 PEG P . 5.83 -34.48 22.97
C3 PEG P . 6.42 -33.49 23.80
C4 PEG P . 7.90 -33.84 23.69
O4 PEG P . 8.45 -33.29 24.88
C1 PGE Q . -7.77 -5.08 1.93
O1 PGE Q . -8.38 -6.20 1.36
C2 PGE Q . -8.09 -5.18 3.43
O2 PGE Q . -7.50 -4.03 4.00
C3 PGE Q . -6.09 -4.00 3.83
C4 PGE Q . -5.55 -3.67 5.25
O4 PGE Q . -2.00 -5.96 5.83
C6 PGE Q . -2.13 -4.73 5.14
C5 PGE Q . -3.56 -4.74 4.54
O3 PGE Q . -4.15 -3.56 5.06
C1 NAG R . -2.32 -11.32 28.24
C2 NAG R . -0.88 -11.09 28.76
C3 NAG R . -0.69 -9.73 29.45
C4 NAG R . -1.48 -8.60 28.78
C5 NAG R . -2.90 -9.01 28.37
C6 NAG R . -3.62 -7.89 27.61
C7 NAG R . -0.15 -12.30 30.88
C8 NAG R . -1.11 -13.15 31.67
N2 NAG R . -0.40 -12.23 29.55
O3 NAG R . 0.68 -9.41 29.46
O4 NAG R . -1.57 -7.50 29.66
O5 NAG R . -2.85 -10.19 27.58
O6 NAG R . -4.66 -8.40 26.79
O7 NAG R . 0.81 -11.76 31.43
C1 EDO S . 15.70 -14.46 24.52
O1 EDO S . 15.64 -15.24 25.70
C2 EDO S . 14.23 -14.15 24.14
O2 EDO S . 14.30 -13.47 22.91
C1 EDO T . 11.09 -44.23 -3.77
O1 EDO T . 9.98 -45.11 -3.82
C2 EDO T . 11.06 -43.62 -2.34
O2 EDO T . 11.43 -42.26 -2.47
C1 PEG U . -4.58 -15.30 9.69
O1 PEG U . -3.78 -14.81 8.61
C2 PEG U . -5.00 -14.04 10.46
O2 PEG U . -5.19 -14.53 11.79
C3 PEG U . -6.34 -15.36 11.87
C4 PEG U . -6.22 -16.00 13.25
O4 PEG U . -7.58 -16.33 13.53
C1 EDO V . 15.32 -36.51 -13.12
O1 EDO V . 14.52 -37.31 -12.29
C2 EDO V . 15.01 -35.05 -12.72
O2 EDO V . 15.20 -34.29 -13.88
C1 PEG W . 34.58 -11.03 3.35
O1 PEG W . 35.95 -10.86 3.70
C2 PEG W . 34.62 -11.01 1.83
O2 PEG W . 33.23 -10.99 1.48
C3 PEG W . 33.07 -11.12 0.07
C4 PEG W . 32.90 -9.68 -0.42
O4 PEG W . 32.93 -9.79 -1.83
O1 P4C X . 0.88 -1.53 -2.32
C2 P4C X . 1.74 -0.85 -1.45
C3 P4C X . 3.15 -0.91 -2.11
O4 P4C X . 3.78 0.25 -1.58
C5 P4C X . 5.12 0.44 -1.99
C6 P4C X . 5.40 1.94 -1.70
O7 P4C X . 4.88 2.19 -0.39
C8 P4C X . 5.29 3.42 0.16
C9 P4C X . 5.17 3.26 1.68
O10 P4C X . 3.78 3.15 1.95
C11 P4C X . 3.46 3.74 3.20
C12 P4C X . 2.27 2.92 3.76
O13 P4C X . 1.14 3.72 3.57
C14 P4C X . 0.39 3.28 2.46
C15 P4C X . -0.84 2.58 3.05
O16 P4C X . -1.36 1.85 1.95
C17 P4C X . -0.59 0.71 1.61
C18 P4C X . -1.34 -0.49 2.25
O19 P4C X . -1.44 -1.42 1.19
C20 P4C X . -1.96 -2.69 1.55
C21 P4C X . -1.88 -3.52 0.23
O22 P4C X . -2.51 -4.75 0.51
#